data_1MTG
# 
_entry.id   1MTG 
# 
_audit_conform.dict_name       mmcif_pdbx.dic 
_audit_conform.dict_version    5.391 
_audit_conform.dict_location   http://mmcif.pdb.org/dictionaries/ascii/mmcif_pdbx.dic 
# 
loop_
_database_2.database_id 
_database_2.database_code 
_database_2.pdbx_database_accession 
_database_2.pdbx_DOI 
PDB   1MTG         pdb_00001mtg 10.2210/pdb1mtg/pdb 
RCSB  RCSB017171   ?            ?                   
WWPDB D_1000017171 ?            ?                   
# 
loop_
_pdbx_audit_revision_history.ordinal 
_pdbx_audit_revision_history.data_content_type 
_pdbx_audit_revision_history.major_revision 
_pdbx_audit_revision_history.minor_revision 
_pdbx_audit_revision_history.revision_date 
1 'Structure model' 1 0 2002-10-16 
2 'Structure model' 1 1 2008-04-28 
3 'Structure model' 1 2 2011-07-13 
4 'Structure model' 1 3 2012-02-08 
5 'Structure model' 1 4 2024-05-01 
# 
_pdbx_audit_revision_details.ordinal             1 
_pdbx_audit_revision_details.revision_ordinal    1 
_pdbx_audit_revision_details.data_content_type   'Structure model' 
_pdbx_audit_revision_details.provider            repository 
_pdbx_audit_revision_details.type                'Initial release' 
_pdbx_audit_revision_details.description         ? 
_pdbx_audit_revision_details.details             ? 
# 
loop_
_pdbx_audit_revision_group.ordinal 
_pdbx_audit_revision_group.revision_ordinal 
_pdbx_audit_revision_group.data_content_type 
_pdbx_audit_revision_group.group 
1 2 'Structure model' 'Version format compliance' 
2 3 'Structure model' 'Version format compliance' 
3 4 'Structure model' 'Derived calculations'      
4 5 'Structure model' 'Data collection'           
5 5 'Structure model' 'Database references'       
6 5 'Structure model' 'Derived calculations'      
# 
loop_
_pdbx_audit_revision_category.ordinal 
_pdbx_audit_revision_category.revision_ordinal 
_pdbx_audit_revision_category.data_content_type 
_pdbx_audit_revision_category.category 
1 5 'Structure model' chem_comp_atom         
2 5 'Structure model' chem_comp_bond         
3 5 'Structure model' database_2             
4 5 'Structure model' pdbx_nmr_software      
5 5 'Structure model' pdbx_struct_conn_angle 
6 5 'Structure model' struct_conn            
7 5 'Structure model' struct_site            
# 
loop_
_pdbx_audit_revision_item.ordinal 
_pdbx_audit_revision_item.revision_ordinal 
_pdbx_audit_revision_item.data_content_type 
_pdbx_audit_revision_item.item 
1  5 'Structure model' '_database_2.pdbx_DOI'                        
2  5 'Structure model' '_database_2.pdbx_database_accession'         
3  5 'Structure model' '_pdbx_nmr_software.name'                     
4  5 'Structure model' '_pdbx_struct_conn_angle.ptnr1_auth_asym_id'  
5  5 'Structure model' '_pdbx_struct_conn_angle.ptnr1_auth_comp_id'  
6  5 'Structure model' '_pdbx_struct_conn_angle.ptnr1_auth_seq_id'   
7  5 'Structure model' '_pdbx_struct_conn_angle.ptnr1_label_asym_id' 
8  5 'Structure model' '_pdbx_struct_conn_angle.ptnr1_label_atom_id' 
9  5 'Structure model' '_pdbx_struct_conn_angle.ptnr1_label_comp_id' 
10 5 'Structure model' '_pdbx_struct_conn_angle.ptnr3_auth_asym_id'  
11 5 'Structure model' '_pdbx_struct_conn_angle.ptnr3_auth_comp_id'  
12 5 'Structure model' '_pdbx_struct_conn_angle.ptnr3_auth_seq_id'   
13 5 'Structure model' '_pdbx_struct_conn_angle.ptnr3_label_asym_id' 
14 5 'Structure model' '_pdbx_struct_conn_angle.ptnr3_label_atom_id' 
15 5 'Structure model' '_pdbx_struct_conn_angle.ptnr3_label_comp_id' 
16 5 'Structure model' '_pdbx_struct_conn_angle.value'               
17 5 'Structure model' '_struct_conn.pdbx_dist_value'                
18 5 'Structure model' '_struct_conn.ptnr1_auth_asym_id'             
19 5 'Structure model' '_struct_conn.ptnr1_auth_comp_id'             
20 5 'Structure model' '_struct_conn.ptnr1_auth_seq_id'              
21 5 'Structure model' '_struct_conn.ptnr1_label_asym_id'            
22 5 'Structure model' '_struct_conn.ptnr1_label_atom_id'            
23 5 'Structure model' '_struct_conn.ptnr1_label_comp_id'            
24 5 'Structure model' '_struct_conn.ptnr2_auth_asym_id'             
25 5 'Structure model' '_struct_conn.ptnr2_auth_comp_id'             
26 5 'Structure model' '_struct_conn.ptnr2_auth_seq_id'              
27 5 'Structure model' '_struct_conn.ptnr2_label_asym_id'            
28 5 'Structure model' '_struct_conn.ptnr2_label_atom_id'            
29 5 'Structure model' '_struct_conn.ptnr2_label_comp_id'            
30 5 'Structure model' '_struct_site.pdbx_auth_asym_id'              
31 5 'Structure model' '_struct_site.pdbx_auth_comp_id'              
32 5 'Structure model' '_struct_site.pdbx_auth_seq_id'               
# 
_pdbx_database_status.status_code                     REL 
_pdbx_database_status.entry_id                        1MTG 
_pdbx_database_status.recvd_initial_deposition_date   2002-09-20 
_pdbx_database_status.deposit_site                    RCSB 
_pdbx_database_status.process_site                    RCSB 
_pdbx_database_status.status_code_mr                  REL 
_pdbx_database_status.SG_entry                        . 
_pdbx_database_status.status_code_sf                  ? 
_pdbx_database_status.status_code_cs                  ? 
_pdbx_database_status.methods_development_category    ? 
_pdbx_database_status.pdb_format_compatible           Y 
_pdbx_database_status.status_code_nmr_data            ? 
# 
loop_
_audit_author.name 
_audit_author.pdbx_ordinal 
'Zhao, C.'         1 
'Xia, C.'          2 
'Mao, Q.'          3 
'Forsterling, H.'  4 
'DeRose, E.'       5 
'Antholine, W.E.'  6 
'Subczynski, W.K.' 7 
'Petering, D.H.'   8 
# 
_citation.id                        primary 
_citation.title                     
;Structures of HO(2)-Co(III)bleomycin A(2) Bound to d(GAGCTC)(2) and d(GGAAGCTTCC)(2): Structure-Reactivity Relationships of Co and Fe Bleomycins
;
_citation.journal_abbrev            J.Inorg.Biochem. 
_citation.journal_volume            91 
_citation.page_first                259 
_citation.page_last                 268 
_citation.year                      2002 
_citation.journal_id_ASTM           JIBIDJ 
_citation.country                   US 
_citation.journal_id_ISSN           0162-0134 
_citation.journal_id_CSD            0525 
_citation.book_publisher            ? 
_citation.pdbx_database_id_PubMed   12121784 
_citation.pdbx_database_id_DOI      '10.1016/S0162-0134(02)00420-8' 
# 
loop_
_citation_author.citation_id 
_citation_author.name 
_citation_author.ordinal 
_citation_author.identifier_ORCID 
primary 'Zhao, C.'         1 ? 
primary 'Xia, C.'          2 ? 
primary 'Mao, Q.'          3 ? 
primary 'Forsterling, H.'  4 ? 
primary 'DeRose, E.'       5 ? 
primary 'Antholine, W.E.'  6 ? 
primary 'Subczynski, W.K.' 7 ? 
primary 'Petering, D.H.'   8 ? 
# 
loop_
_entity.id 
_entity.type 
_entity.src_method 
_entity.pdbx_description 
_entity.formula_weight 
_entity.pdbx_number_of_molecules 
_entity.pdbx_ec 
_entity.pdbx_mutation 
_entity.pdbx_fragment 
_entity.details 
1 polymer     syn "5'-D(*GP*AP*GP*CP*TP*C)-3'" 1809.217 2 ? ? ? ? 
2 non-polymer syn 'COBALT (III) ION'           58.933   1 ? ? ? ? 
3 non-polymer syn 'HYDROGEN PEROXIDE'          34.015   1 ? ? ? ? 
4 non-polymer syn 'BLEOMYCIN A2'               1416.560 1 ? ? ? ? 
# 
_entity_poly.entity_id                      1 
_entity_poly.type                           polydeoxyribonucleotide 
_entity_poly.nstd_linkage                   no 
_entity_poly.nstd_monomer                   no 
_entity_poly.pdbx_seq_one_letter_code       '(DG)(DA)(DG)(DC)(DT)(DC)' 
_entity_poly.pdbx_seq_one_letter_code_can   GAGCTC 
_entity_poly.pdbx_strand_id                 A,B 
_entity_poly.pdbx_target_identifier         ? 
# 
loop_
_pdbx_entity_nonpoly.entity_id 
_pdbx_entity_nonpoly.name 
_pdbx_entity_nonpoly.comp_id 
2 'COBALT (III) ION'  3CO 
3 'HYDROGEN PEROXIDE' PEO 
4 'BLEOMYCIN A2'      BLM 
# 
loop_
_entity_poly_seq.entity_id 
_entity_poly_seq.num 
_entity_poly_seq.mon_id 
_entity_poly_seq.hetero 
1 1 DG n 
1 2 DA n 
1 3 DG n 
1 4 DC n 
1 5 DT n 
1 6 DC n 
# 
loop_
_chem_comp.id 
_chem_comp.type 
_chem_comp.mon_nstd_flag 
_chem_comp.name 
_chem_comp.pdbx_synonyms 
_chem_comp.formula 
_chem_comp.formula_weight 
3CO non-polymer   . 'COBALT (III) ION'                   ?                                                'Co 3'               
58.933   
BLM non-polymer   . 'BLEOMYCIN A2'                       'N1-[3-(DIMETHYLSULFONIO)-PROPYL]BLEOMYCINAMIDE' 'C55 H85 N17 O21 S3' 
1416.560 
DA  'DNA linking' y "2'-DEOXYADENOSINE-5'-MONOPHOSPHATE" ?                                                'C10 H14 N5 O6 P'    
331.222  
DC  'DNA linking' y "2'-DEOXYCYTIDINE-5'-MONOPHOSPHATE"  ?                                                'C9 H14 N3 O7 P'     
307.197  
DG  'DNA linking' y "2'-DEOXYGUANOSINE-5'-MONOPHOSPHATE" ?                                                'C10 H14 N5 O7 P'    
347.221  
DT  'DNA linking' y "THYMIDINE-5'-MONOPHOSPHATE"         ?                                                'C10 H15 N2 O8 P'    
322.208  
PEO non-polymer   . 'HYDROGEN PEROXIDE'                  ?                                                'H2 O2'              
34.015   
# 
loop_
_pdbx_poly_seq_scheme.asym_id 
_pdbx_poly_seq_scheme.entity_id 
_pdbx_poly_seq_scheme.seq_id 
_pdbx_poly_seq_scheme.mon_id 
_pdbx_poly_seq_scheme.ndb_seq_num 
_pdbx_poly_seq_scheme.pdb_seq_num 
_pdbx_poly_seq_scheme.auth_seq_num 
_pdbx_poly_seq_scheme.pdb_mon_id 
_pdbx_poly_seq_scheme.auth_mon_id 
_pdbx_poly_seq_scheme.pdb_strand_id 
_pdbx_poly_seq_scheme.pdb_ins_code 
_pdbx_poly_seq_scheme.hetero 
A 1 1 DG 1 1  1  DG GUA A . n 
A 1 2 DA 2 2  2  DA ADE A . n 
A 1 3 DG 3 3  3  DG GUA A . n 
A 1 4 DC 4 4  4  DC CYT A . n 
A 1 5 DT 5 5  5  DT THY A . n 
A 1 6 DC 6 6  6  DC CYT A . n 
B 1 1 DG 1 7  7  DG GUA B . n 
B 1 2 DA 2 8  8  DA ADE B . n 
B 1 3 DG 3 9  9  DG GUA B . n 
B 1 4 DC 4 10 10 DC CYT B . n 
B 1 5 DT 5 11 11 DT THY B . n 
B 1 6 DC 6 12 12 DC CYT B . n 
# 
loop_
_pdbx_nonpoly_scheme.asym_id 
_pdbx_nonpoly_scheme.entity_id 
_pdbx_nonpoly_scheme.mon_id 
_pdbx_nonpoly_scheme.ndb_seq_num 
_pdbx_nonpoly_scheme.pdb_seq_num 
_pdbx_nonpoly_scheme.auth_seq_num 
_pdbx_nonpoly_scheme.pdb_mon_id 
_pdbx_nonpoly_scheme.auth_mon_id 
_pdbx_nonpoly_scheme.pdb_strand_id 
_pdbx_nonpoly_scheme.pdb_ins_code 
C 2 3CO 1 22 22 3CO 3CO A . 
D 3 PEO 1 23 23 PEO PEO A . 
E 4 BLM 1 21 21 BLM BLM B . 
# 
_exptl.entry_id          1MTG 
_exptl.method            'SOLUTION NMR' 
_exptl.crystals_number   ? 
# 
_exptl_crystal.id                    1 
_exptl_crystal.density_meas          ? 
_exptl_crystal.density_Matthews      ? 
_exptl_crystal.density_percent_sol   ? 
_exptl_crystal.description           ? 
# 
_diffrn.id                     1 
_diffrn.crystal_id             1 
_diffrn.ambient_temp           ? 
_diffrn.ambient_temp_details   ? 
# 
_diffrn_radiation.diffrn_id                        1 
_diffrn_radiation.wavelength_id                    1 
_diffrn_radiation.pdbx_monochromatic_or_laue_m_l   M 
_diffrn_radiation.monochromator                    ? 
_diffrn_radiation.pdbx_diffrn_protocol             'SINGLE WAVELENGTH' 
_diffrn_radiation.pdbx_scattering_type             x-ray 
# 
_diffrn_radiation_wavelength.id           1 
_diffrn_radiation_wavelength.wavelength   . 
_diffrn_radiation_wavelength.wt           1.0 
# 
_struct.entry_id                  1MTG 
_struct.title                     'NMR Structure of HO2-Co(III)bleomycin A(2) bound to d(GAGCTC)(2)' 
_struct.pdbx_model_details        ? 
_struct.pdbx_CASP_flag            ? 
_struct.pdbx_model_type_details   'minimized average' 
# 
_struct_keywords.entry_id        1MTG 
_struct_keywords.pdbx_keywords   DNA 
_struct_keywords.text            'Drug-DNA complex, cobalt(III), DNA' 
# 
loop_
_struct_asym.id 
_struct_asym.pdbx_blank_PDB_chainid_flag 
_struct_asym.pdbx_modified 
_struct_asym.entity_id 
_struct_asym.details 
A N N 1 ? 
B N N 1 ? 
C N N 2 ? 
D N N 3 ? 
E N N 4 ? 
# 
_struct_ref.id                         1 
_struct_ref.entity_id                  1 
_struct_ref.db_name                    PDB 
_struct_ref.db_code                    1MTG 
_struct_ref.pdbx_db_accession          1MTG 
_struct_ref.pdbx_align_begin           ? 
_struct_ref.pdbx_seq_one_letter_code   ? 
_struct_ref.pdbx_db_isoform            ? 
# 
loop_
_struct_ref_seq.align_id 
_struct_ref_seq.ref_id 
_struct_ref_seq.pdbx_PDB_id_code 
_struct_ref_seq.pdbx_strand_id 
_struct_ref_seq.seq_align_beg 
_struct_ref_seq.pdbx_seq_align_beg_ins_code 
_struct_ref_seq.seq_align_end 
_struct_ref_seq.pdbx_seq_align_end_ins_code 
_struct_ref_seq.pdbx_db_accession 
_struct_ref_seq.db_align_beg 
_struct_ref_seq.pdbx_db_align_beg_ins_code 
_struct_ref_seq.db_align_end 
_struct_ref_seq.pdbx_db_align_end_ins_code 
_struct_ref_seq.pdbx_auth_seq_align_beg 
_struct_ref_seq.pdbx_auth_seq_align_end 
1 1 1MTG A 1 ? 6 ? 1MTG 1 ? 6  ? 1 6  
2 1 1MTG B 1 ? 6 ? 1MTG 7 ? 12 ? 7 12 
# 
_pdbx_struct_assembly.id                   1 
_pdbx_struct_assembly.details              author_defined_assembly 
_pdbx_struct_assembly.method_details       ? 
_pdbx_struct_assembly.oligomeric_details   dimeric 
_pdbx_struct_assembly.oligomeric_count     2 
# 
_pdbx_struct_assembly_gen.assembly_id       1 
_pdbx_struct_assembly_gen.oper_expression   1 
_pdbx_struct_assembly_gen.asym_id_list      A,B,C,D,E 
# 
_pdbx_struct_oper_list.id                   1 
_pdbx_struct_oper_list.type                 'identity operation' 
_pdbx_struct_oper_list.name                 1_555 
_pdbx_struct_oper_list.symmetry_operation   x,y,z 
_pdbx_struct_oper_list.matrix[1][1]         1.0000000000 
_pdbx_struct_oper_list.matrix[1][2]         0.0000000000 
_pdbx_struct_oper_list.matrix[1][3]         0.0000000000 
_pdbx_struct_oper_list.vector[1]            0.0000000000 
_pdbx_struct_oper_list.matrix[2][1]         0.0000000000 
_pdbx_struct_oper_list.matrix[2][2]         1.0000000000 
_pdbx_struct_oper_list.matrix[2][3]         0.0000000000 
_pdbx_struct_oper_list.vector[2]            0.0000000000 
_pdbx_struct_oper_list.matrix[3][1]         0.0000000000 
_pdbx_struct_oper_list.matrix[3][2]         0.0000000000 
_pdbx_struct_oper_list.matrix[3][3]         1.0000000000 
_pdbx_struct_oper_list.vector[3]            0.0000000000 
# 
_struct_biol.id        1 
_struct_biol.details   ? 
# 
loop_
_struct_conn.id 
_struct_conn.conn_type_id 
_struct_conn.pdbx_leaving_atom_flag 
_struct_conn.pdbx_PDB_id 
_struct_conn.ptnr1_label_asym_id 
_struct_conn.ptnr1_label_comp_id 
_struct_conn.ptnr1_label_seq_id 
_struct_conn.ptnr1_label_atom_id 
_struct_conn.pdbx_ptnr1_label_alt_id 
_struct_conn.pdbx_ptnr1_PDB_ins_code 
_struct_conn.pdbx_ptnr1_standard_comp_id 
_struct_conn.ptnr1_symmetry 
_struct_conn.ptnr2_label_asym_id 
_struct_conn.ptnr2_label_comp_id 
_struct_conn.ptnr2_label_seq_id 
_struct_conn.ptnr2_label_atom_id 
_struct_conn.pdbx_ptnr2_label_alt_id 
_struct_conn.pdbx_ptnr2_PDB_ins_code 
_struct_conn.ptnr1_auth_asym_id 
_struct_conn.ptnr1_auth_comp_id 
_struct_conn.ptnr1_auth_seq_id 
_struct_conn.ptnr2_auth_asym_id 
_struct_conn.ptnr2_auth_comp_id 
_struct_conn.ptnr2_auth_seq_id 
_struct_conn.ptnr2_symmetry 
_struct_conn.pdbx_ptnr3_label_atom_id 
_struct_conn.pdbx_ptnr3_label_seq_id 
_struct_conn.pdbx_ptnr3_label_comp_id 
_struct_conn.pdbx_ptnr3_label_asym_id 
_struct_conn.pdbx_ptnr3_label_alt_id 
_struct_conn.pdbx_ptnr3_PDB_ins_code 
_struct_conn.details 
_struct_conn.pdbx_dist_value 
_struct_conn.pdbx_value_order 
_struct_conn.pdbx_role 
metalc1  metalc ? ? C 3CO . CO ? ? ? 1_555 D PEO . O1  ? ? A 3CO 22 A PEO 23 1_555 ? ? ? ? ? ? ?            1.843 ? ? 
metalc2  metalc ? ? C 3CO . CO ? ? ? 1_555 D PEO . O2  ? ? A 3CO 22 A PEO 23 1_555 ? ? ? ? ? ? ?            2.762 ? ? 
metalc3  metalc ? ? C 3CO . CO ? ? ? 1_555 E BLM . NG  ? ? A 3CO 22 B BLM 21 1_555 ? ? ? ? ? ? ?            1.822 ? ? 
metalc4  metalc ? ? C 3CO . CO ? ? ? 1_555 E BLM . NC  ? ? A 3CO 22 B BLM 21 1_555 ? ? ? ? ? ? ?            2.054 ? ? 
metalc5  metalc ? ? C 3CO . CO ? ? ? 1_555 E BLM . NB  ? ? A 3CO 22 B BLM 21 1_555 ? ? ? ? ? ? ?            2.117 ? ? 
metalc6  metalc ? ? C 3CO . CO ? ? ? 1_555 E BLM . NH  ? ? A 3CO 22 B BLM 21 1_555 ? ? ? ? ? ? ?            1.959 ? ? 
metalc7  metalc ? ? C 3CO . CO ? ? ? 1_555 E BLM . NJ  ? ? A 3CO 22 B BLM 21 1_555 ? ? ? ? ? ? ?            1.971 ? ? 
metalc8  metalc ? ? C 3CO . CO ? ? ? 1_555 E BLM . C12 ? ? A 3CO 22 B BLM 21 1_555 ? ? ? ? ? ? ?            2.681 ? ? 
metalc9  metalc ? ? C 3CO . CO ? ? ? 1_555 E BLM . C10 ? ? A 3CO 22 B BLM 21 1_555 ? ? ? ? ? ? ?            2.690 ? ? 
metalc10 metalc ? ? C 3CO . CO ? ? ? 1_555 E BLM . C7  ? ? A 3CO 22 B BLM 21 1_555 ? ? ? ? ? ? ?            2.721 ? ? 
hydrog1  hydrog ? ? A DG  1 N1 ? ? ? 1_555 B DC  6 N3  ? ? A DG  1  B DC  12 1_555 ? ? ? ? ? ? WATSON-CRICK ?     ? ? 
hydrog2  hydrog ? ? A DG  1 N2 ? ? ? 1_555 B DC  6 O2  ? ? A DG  1  B DC  12 1_555 ? ? ? ? ? ? WATSON-CRICK ?     ? ? 
hydrog3  hydrog ? ? A DG  1 O6 ? ? ? 1_555 B DC  6 N4  ? ? A DG  1  B DC  12 1_555 ? ? ? ? ? ? WATSON-CRICK ?     ? ? 
hydrog4  hydrog ? ? A DA  2 N1 ? ? ? 1_555 B DT  5 N3  ? ? A DA  2  B DT  11 1_555 ? ? ? ? ? ? WATSON-CRICK ?     ? ? 
hydrog5  hydrog ? ? A DA  2 N6 ? ? ? 1_555 B DT  5 O4  ? ? A DA  2  B DT  11 1_555 ? ? ? ? ? ? WATSON-CRICK ?     ? ? 
hydrog6  hydrog ? ? A DG  3 N1 ? ? ? 1_555 B DC  4 N3  ? ? A DG  3  B DC  10 1_555 ? ? ? ? ? ? WATSON-CRICK ?     ? ? 
hydrog7  hydrog ? ? A DG  3 N2 ? ? ? 1_555 B DC  4 O2  ? ? A DG  3  B DC  10 1_555 ? ? ? ? ? ? WATSON-CRICK ?     ? ? 
hydrog8  hydrog ? ? A DG  3 O6 ? ? ? 1_555 B DC  4 N4  ? ? A DG  3  B DC  10 1_555 ? ? ? ? ? ? WATSON-CRICK ?     ? ? 
hydrog9  hydrog ? ? A DC  4 N3 ? ? ? 1_555 B DG  3 N1  ? ? A DC  4  B DG  9  1_555 ? ? ? ? ? ? WATSON-CRICK ?     ? ? 
hydrog10 hydrog ? ? A DC  4 N4 ? ? ? 1_555 B DG  3 O6  ? ? A DC  4  B DG  9  1_555 ? ? ? ? ? ? WATSON-CRICK ?     ? ? 
hydrog11 hydrog ? ? A DC  4 O2 ? ? ? 1_555 B DG  3 N2  ? ? A DC  4  B DG  9  1_555 ? ? ? ? ? ? WATSON-CRICK ?     ? ? 
hydrog12 hydrog ? ? A DT  5 N3 ? ? ? 1_555 B DA  2 N1  ? ? A DT  5  B DA  8  1_555 ? ? ? ? ? ? WATSON-CRICK ?     ? ? 
hydrog13 hydrog ? ? A DT  5 O4 ? ? ? 1_555 B DA  2 N6  ? ? A DT  5  B DA  8  1_555 ? ? ? ? ? ? WATSON-CRICK ?     ? ? 
hydrog14 hydrog ? ? A DC  6 N3 ? ? ? 1_555 B DG  1 N1  ? ? A DC  6  B DG  7  1_555 ? ? ? ? ? ? WATSON-CRICK ?     ? ? 
hydrog15 hydrog ? ? A DC  6 N4 ? ? ? 1_555 B DG  1 O6  ? ? A DC  6  B DG  7  1_555 ? ? ? ? ? ? WATSON-CRICK ?     ? ? 
hydrog16 hydrog ? ? A DC  6 O2 ? ? ? 1_555 B DG  1 N2  ? ? A DC  6  B DG  7  1_555 ? ? ? ? ? ? WATSON-CRICK ?     ? ? 
# 
loop_
_struct_conn_type.id 
_struct_conn_type.criteria 
_struct_conn_type.reference 
metalc ? ? 
hydrog ? ? 
# 
loop_
_pdbx_struct_conn_angle.id 
_pdbx_struct_conn_angle.ptnr1_label_atom_id 
_pdbx_struct_conn_angle.ptnr1_label_alt_id 
_pdbx_struct_conn_angle.ptnr1_label_asym_id 
_pdbx_struct_conn_angle.ptnr1_label_comp_id 
_pdbx_struct_conn_angle.ptnr1_label_seq_id 
_pdbx_struct_conn_angle.ptnr1_auth_atom_id 
_pdbx_struct_conn_angle.ptnr1_auth_asym_id 
_pdbx_struct_conn_angle.ptnr1_auth_comp_id 
_pdbx_struct_conn_angle.ptnr1_auth_seq_id 
_pdbx_struct_conn_angle.ptnr1_PDB_ins_code 
_pdbx_struct_conn_angle.ptnr1_symmetry 
_pdbx_struct_conn_angle.ptnr2_label_atom_id 
_pdbx_struct_conn_angle.ptnr2_label_alt_id 
_pdbx_struct_conn_angle.ptnr2_label_asym_id 
_pdbx_struct_conn_angle.ptnr2_label_comp_id 
_pdbx_struct_conn_angle.ptnr2_label_seq_id 
_pdbx_struct_conn_angle.ptnr2_auth_atom_id 
_pdbx_struct_conn_angle.ptnr2_auth_asym_id 
_pdbx_struct_conn_angle.ptnr2_auth_comp_id 
_pdbx_struct_conn_angle.ptnr2_auth_seq_id 
_pdbx_struct_conn_angle.ptnr2_PDB_ins_code 
_pdbx_struct_conn_angle.ptnr2_symmetry 
_pdbx_struct_conn_angle.ptnr3_label_atom_id 
_pdbx_struct_conn_angle.ptnr3_label_alt_id 
_pdbx_struct_conn_angle.ptnr3_label_asym_id 
_pdbx_struct_conn_angle.ptnr3_label_comp_id 
_pdbx_struct_conn_angle.ptnr3_label_seq_id 
_pdbx_struct_conn_angle.ptnr3_auth_atom_id 
_pdbx_struct_conn_angle.ptnr3_auth_asym_id 
_pdbx_struct_conn_angle.ptnr3_auth_comp_id 
_pdbx_struct_conn_angle.ptnr3_auth_seq_id 
_pdbx_struct_conn_angle.ptnr3_PDB_ins_code 
_pdbx_struct_conn_angle.ptnr3_symmetry 
_pdbx_struct_conn_angle.value 
_pdbx_struct_conn_angle.value_esd 
1  O1  ? D PEO . ? A PEO 23 ? 1_555 CO ? C 3CO . ? A 3CO 22 ? 1_555 O2  ? D PEO . ? A PEO 23 ? 1_555 26.9  ? 
2  O1  ? D PEO . ? A PEO 23 ? 1_555 CO ? C 3CO . ? A 3CO 22 ? 1_555 NG  ? E BLM . ? B BLM 21 ? 1_555 88.5  ? 
3  O2  ? D PEO . ? A PEO 23 ? 1_555 CO ? C 3CO . ? A 3CO 22 ? 1_555 NG  ? E BLM . ? B BLM 21 ? 1_555 74.6  ? 
4  O1  ? D PEO . ? A PEO 23 ? 1_555 CO ? C 3CO . ? A 3CO 22 ? 1_555 NC  ? E BLM . ? B BLM 21 ? 1_555 93.9  ? 
5  O2  ? D PEO . ? A PEO 23 ? 1_555 CO ? C 3CO . ? A 3CO 22 ? 1_555 NC  ? E BLM . ? B BLM 21 ? 1_555 70.2  ? 
6  NG  ? E BLM . ? B BLM 21 ? 1_555 CO ? C 3CO . ? A 3CO 22 ? 1_555 NC  ? E BLM . ? B BLM 21 ? 1_555 86.0  ? 
7  O1  ? D PEO . ? A PEO 23 ? 1_555 CO ? C 3CO . ? A 3CO 22 ? 1_555 NB  ? E BLM . ? B BLM 21 ? 1_555 176.2 ? 
8  O2  ? D PEO . ? A PEO 23 ? 1_555 CO ? C 3CO . ? A 3CO 22 ? 1_555 NB  ? E BLM . ? B BLM 21 ? 1_555 149.5 ? 
9  NG  ? E BLM . ? B BLM 21 ? 1_555 CO ? C 3CO . ? A 3CO 22 ? 1_555 NB  ? E BLM . ? B BLM 21 ? 1_555 90.6  ? 
10 NC  ? E BLM . ? B BLM 21 ? 1_555 CO ? C 3CO . ? A 3CO 22 ? 1_555 NB  ? E BLM . ? B BLM 21 ? 1_555 82.4  ? 
11 O1  ? D PEO . ? A PEO 23 ? 1_555 CO ? C 3CO . ? A 3CO 22 ? 1_555 NH  ? E BLM . ? B BLM 21 ? 1_555 87.6  ? 
12 O2  ? D PEO . ? A PEO 23 ? 1_555 CO ? C 3CO . ? A 3CO 22 ? 1_555 NH  ? E BLM . ? B BLM 21 ? 1_555 108.5 ? 
13 NG  ? E BLM . ? B BLM 21 ? 1_555 CO ? C 3CO . ? A 3CO 22 ? 1_555 NH  ? E BLM . ? B BLM 21 ? 1_555 83.7  ? 
14 NC  ? E BLM . ? B BLM 21 ? 1_555 CO ? C 3CO . ? A 3CO 22 ? 1_555 NH  ? E BLM . ? B BLM 21 ? 1_555 169.6 ? 
15 NB  ? E BLM . ? B BLM 21 ? 1_555 CO ? C 3CO . ? A 3CO 22 ? 1_555 NH  ? E BLM . ? B BLM 21 ? 1_555 96.0  ? 
16 O1  ? D PEO . ? A PEO 23 ? 1_555 CO ? C 3CO . ? A 3CO 22 ? 1_555 NJ  ? E BLM . ? B BLM 21 ? 1_555 83.6  ? 
17 O2  ? D PEO . ? A PEO 23 ? 1_555 CO ? C 3CO . ? A 3CO 22 ? 1_555 NJ  ? E BLM . ? B BLM 21 ? 1_555 99.8  ? 
18 NG  ? E BLM . ? B BLM 21 ? 1_555 CO ? C 3CO . ? A 3CO 22 ? 1_555 NJ  ? E BLM . ? B BLM 21 ? 1_555 170.8 ? 
19 NC  ? E BLM . ? B BLM 21 ? 1_555 CO ? C 3CO . ? A 3CO 22 ? 1_555 NJ  ? E BLM . ? B BLM 21 ? 1_555 99.1  ? 
20 NB  ? E BLM . ? B BLM 21 ? 1_555 CO ? C 3CO . ? A 3CO 22 ? 1_555 NJ  ? E BLM . ? B BLM 21 ? 1_555 97.5  ? 
21 NH  ? E BLM . ? B BLM 21 ? 1_555 CO ? C 3CO . ? A 3CO 22 ? 1_555 NJ  ? E BLM . ? B BLM 21 ? 1_555 91.3  ? 
22 O1  ? D PEO . ? A PEO 23 ? 1_555 CO ? C 3CO . ? A 3CO 22 ? 1_555 C12 ? E BLM . ? B BLM 21 ? 1_555 90.9  ? 
23 O2  ? D PEO . ? A PEO 23 ? 1_555 CO ? C 3CO . ? A 3CO 22 ? 1_555 C12 ? E BLM . ? B BLM 21 ? 1_555 101.6 ? 
24 NG  ? E BLM . ? B BLM 21 ? 1_555 CO ? C 3CO . ? A 3CO 22 ? 1_555 C12 ? E BLM . ? B BLM 21 ? 1_555 56.7  ? 
25 NC  ? E BLM . ? B BLM 21 ? 1_555 CO ? C 3CO . ? A 3CO 22 ? 1_555 C12 ? E BLM . ? B BLM 21 ? 1_555 142.3 ? 
26 NB  ? E BLM . ? B BLM 21 ? 1_555 CO ? C 3CO . ? A 3CO 22 ? 1_555 C12 ? E BLM . ? B BLM 21 ? 1_555 91.7  ? 
27 NH  ? E BLM . ? B BLM 21 ? 1_555 CO ? C 3CO . ? A 3CO 22 ? 1_555 C12 ? E BLM . ? B BLM 21 ? 1_555 27.3  ? 
28 NJ  ? E BLM . ? B BLM 21 ? 1_555 CO ? C 3CO . ? A 3CO 22 ? 1_555 C12 ? E BLM . ? B BLM 21 ? 1_555 118.6 ? 
29 O1  ? D PEO . ? A PEO 23 ? 1_555 CO ? C 3CO . ? A 3CO 22 ? 1_555 C10 ? E BLM . ? B BLM 21 ? 1_555 88.6  ? 
30 O2  ? D PEO . ? A PEO 23 ? 1_555 CO ? C 3CO . ? A 3CO 22 ? 1_555 C10 ? E BLM . ? B BLM 21 ? 1_555 86.2  ? 
31 NG  ? E BLM . ? B BLM 21 ? 1_555 CO ? C 3CO . ? A 3CO 22 ? 1_555 C10 ? E BLM . ? B BLM 21 ? 1_555 26.8  ? 
32 NC  ? E BLM . ? B BLM 21 ? 1_555 CO ? C 3CO . ? A 3CO 22 ? 1_555 C10 ? E BLM . ? B BLM 21 ? 1_555 112.7 ? 
33 NB  ? E BLM . ? B BLM 21 ? 1_555 CO ? C 3CO . ? A 3CO 22 ? 1_555 C10 ? E BLM . ? B BLM 21 ? 1_555 92.3  ? 
34 NH  ? E BLM . ? B BLM 21 ? 1_555 CO ? C 3CO . ? A 3CO 22 ? 1_555 C10 ? E BLM . ? B BLM 21 ? 1_555 57.0  ? 
35 NJ  ? E BLM . ? B BLM 21 ? 1_555 CO ? C 3CO . ? A 3CO 22 ? 1_555 C10 ? E BLM . ? B BLM 21 ? 1_555 147.7 ? 
36 C12 ? E BLM . ? B BLM 21 ? 1_555 CO ? C 3CO . ? A 3CO 22 ? 1_555 C10 ? E BLM . ? B BLM 21 ? 1_555 30.0  ? 
37 O1  ? D PEO . ? A PEO 23 ? 1_555 CO ? C 3CO . ? A 3CO 22 ? 1_555 C7  ? E BLM . ? B BLM 21 ? 1_555 87.7  ? 
38 O2  ? D PEO . ? A PEO 23 ? 1_555 CO ? C 3CO . ? A 3CO 22 ? 1_555 C7  ? E BLM . ? B BLM 21 ? 1_555 65.3  ? 
39 NG  ? E BLM . ? B BLM 21 ? 1_555 CO ? C 3CO . ? A 3CO 22 ? 1_555 C7  ? E BLM . ? B BLM 21 ? 1_555 25.2  ? 
40 NC  ? E BLM . ? B BLM 21 ? 1_555 CO ? C 3CO . ? A 3CO 22 ? 1_555 C7  ? E BLM . ? B BLM 21 ? 1_555 61.0  ? 
41 NB  ? E BLM . ? B BLM 21 ? 1_555 CO ? C 3CO . ? A 3CO 22 ? 1_555 C7  ? E BLM . ? B BLM 21 ? 1_555 90.0  ? 
42 NH  ? E BLM . ? B BLM 21 ? 1_555 CO ? C 3CO . ? A 3CO 22 ? 1_555 C7  ? E BLM . ? B BLM 21 ? 1_555 108.8 ? 
43 NJ  ? E BLM . ? B BLM 21 ? 1_555 CO ? C 3CO . ? A 3CO 22 ? 1_555 C7  ? E BLM . ? B BLM 21 ? 1_555 157.7 ? 
44 C12 ? E BLM . ? B BLM 21 ? 1_555 CO ? C 3CO . ? A 3CO 22 ? 1_555 C7  ? E BLM . ? B BLM 21 ? 1_555 81.9  ? 
45 C10 ? E BLM . ? B BLM 21 ? 1_555 CO ? C 3CO . ? A 3CO 22 ? 1_555 C7  ? E BLM . ? B BLM 21 ? 1_555 51.9  ? 
# 
loop_
_struct_site.id 
_struct_site.pdbx_evidence_code 
_struct_site.pdbx_auth_asym_id 
_struct_site.pdbx_auth_comp_id 
_struct_site.pdbx_auth_seq_id 
_struct_site.pdbx_auth_ins_code 
_struct_site.pdbx_num_residues 
_struct_site.details 
AC1 Software A 3CO 22 ? 2  'BINDING SITE FOR RESIDUE 3CO A 22' 
AC2 Software B BLM 21 ? 10 'BINDING SITE FOR RESIDUE BLM B 21' 
AC3 Software A PEO 23 ? 2  'BINDING SITE FOR RESIDUE PEO A 23' 
1   ?        ? ?   ?  ? ?  ?                                   
# 
loop_
_struct_site_gen.id 
_struct_site_gen.site_id 
_struct_site_gen.pdbx_num_res 
_struct_site_gen.label_comp_id 
_struct_site_gen.label_asym_id 
_struct_site_gen.label_seq_id 
_struct_site_gen.pdbx_auth_ins_code 
_struct_site_gen.auth_comp_id 
_struct_site_gen.auth_asym_id 
_struct_site_gen.auth_seq_id 
_struct_site_gen.label_atom_id 
_struct_site_gen.label_alt_id 
_struct_site_gen.symmetry 
_struct_site_gen.details 
1  AC1 2  PEO D . ? PEO A 23 . ? 1_555 ? 
2  AC1 2  BLM E . ? BLM B 21 . ? 1_555 ? 
3  AC2 10 DG  A 3 ? DG  A 3  . ? 1_555 ? 
4  AC2 10 DC  A 4 ? DC  A 4  . ? 1_555 ? 
5  AC2 10 DT  A 5 ? DT  A 5  . ? 1_555 ? 
6  AC2 10 3CO C . ? 3CO A 22 . ? 1_555 ? 
7  AC2 10 PEO D . ? PEO A 23 . ? 1_555 ? 
8  AC2 10 DA  B 2 ? DA  B 8  . ? 1_555 ? 
9  AC2 10 DG  B 3 ? DG  B 9  . ? 1_555 ? 
10 AC2 10 DC  B 4 ? DC  B 10 . ? 1_555 ? 
11 AC2 10 DT  B 5 ? DT  B 11 . ? 1_555 ? 
12 AC2 10 DC  B 6 ? DC  B 12 . ? 1_555 ? 
13 AC3 2  3CO C . ? 3CO A 22 . ? 1_555 ? 
14 AC3 2  BLM E . ? BLM B 21 . ? 1_555 ? 
# 
loop_
_pdbx_validate_rmsd_angle.id 
_pdbx_validate_rmsd_angle.PDB_model_num 
_pdbx_validate_rmsd_angle.auth_atom_id_1 
_pdbx_validate_rmsd_angle.auth_asym_id_1 
_pdbx_validate_rmsd_angle.auth_comp_id_1 
_pdbx_validate_rmsd_angle.auth_seq_id_1 
_pdbx_validate_rmsd_angle.PDB_ins_code_1 
_pdbx_validate_rmsd_angle.label_alt_id_1 
_pdbx_validate_rmsd_angle.auth_atom_id_2 
_pdbx_validate_rmsd_angle.auth_asym_id_2 
_pdbx_validate_rmsd_angle.auth_comp_id_2 
_pdbx_validate_rmsd_angle.auth_seq_id_2 
_pdbx_validate_rmsd_angle.PDB_ins_code_2 
_pdbx_validate_rmsd_angle.label_alt_id_2 
_pdbx_validate_rmsd_angle.auth_atom_id_3 
_pdbx_validate_rmsd_angle.auth_asym_id_3 
_pdbx_validate_rmsd_angle.auth_comp_id_3 
_pdbx_validate_rmsd_angle.auth_seq_id_3 
_pdbx_validate_rmsd_angle.PDB_ins_code_3 
_pdbx_validate_rmsd_angle.label_alt_id_3 
_pdbx_validate_rmsd_angle.angle_value 
_pdbx_validate_rmsd_angle.angle_target_value 
_pdbx_validate_rmsd_angle.angle_deviation 
_pdbx_validate_rmsd_angle.angle_standard_deviation 
_pdbx_validate_rmsd_angle.linker_flag 
1  1 "O4'" A DG 1  ? ? "C1'" A DG 1  ? ? N9 A DG 1  ? ? 110.75 108.30 2.45  0.30 N 
2  1 N7    A DG 1  ? ? C8    A DG 1  ? ? N9 A DG 1  ? ? 117.67 113.10 4.57  0.50 N 
3  1 C8    A DG 1  ? ? N9    A DG 1  ? ? C4 A DG 1  ? ? 103.84 106.40 -2.56 0.40 N 
4  1 "O4'" A DA 2  ? ? "C1'" A DA 2  ? ? N9 A DA 2  ? ? 110.23 108.30 1.93  0.30 N 
5  1 N7    A DA 2  ? ? C8    A DA 2  ? ? N9 A DA 2  ? ? 117.66 113.80 3.86  0.50 N 
6  1 "O4'" A DG 3  ? ? "C1'" A DG 3  ? ? N9 A DG 3  ? ? 111.68 108.30 3.38  0.30 N 
7  1 N7    A DG 3  ? ? C8    A DG 3  ? ? N9 A DG 3  ? ? 117.91 113.10 4.81  0.50 N 
8  1 C8    A DG 3  ? ? N9    A DG 3  ? ? C4 A DG 3  ? ? 103.83 106.40 -2.57 0.40 N 
9  1 "O4'" A DC 4  ? ? "C1'" A DC 4  ? ? N1 A DC 4  ? ? 110.99 108.30 2.69  0.30 N 
10 1 "O4'" A DT 5  ? ? "C1'" A DT 5  ? ? N1 A DT 5  ? ? 111.04 108.30 2.74  0.30 N 
11 1 "O4'" A DC 6  ? ? "C1'" A DC 6  ? ? N1 A DC 6  ? ? 111.43 108.30 3.13  0.30 N 
12 1 "O4'" B DG 7  ? ? "C1'" B DG 7  ? ? N9 B DG 7  ? ? 110.74 108.30 2.44  0.30 N 
13 1 N7    B DG 7  ? ? C8    B DG 7  ? ? N9 B DG 7  ? ? 117.66 113.10 4.56  0.50 N 
14 1 C8    B DG 7  ? ? N9    B DG 7  ? ? C4 B DG 7  ? ? 103.57 106.40 -2.83 0.40 N 
15 1 "O4'" B DA 8  ? ? "C1'" B DA 8  ? ? N9 B DA 8  ? ? 111.43 108.30 3.13  0.30 N 
16 1 N7    B DA 8  ? ? C8    B DA 8  ? ? N9 B DA 8  ? ? 117.60 113.80 3.80  0.50 N 
17 1 "O4'" B DG 9  ? ? "C1'" B DG 9  ? ? N9 B DG 9  ? ? 110.77 108.30 2.47  0.30 N 
18 1 N7    B DG 9  ? ? C8    B DG 9  ? ? N9 B DG 9  ? ? 117.74 113.10 4.64  0.50 N 
19 1 C8    B DG 9  ? ? N9    B DG 9  ? ? C4 B DG 9  ? ? 103.79 106.40 -2.61 0.40 N 
20 1 "O4'" B DC 10 ? ? "C1'" B DC 10 ? ? N1 B DC 10 ? ? 111.42 108.30 3.12  0.30 N 
21 1 "O4'" B DT 11 ? ? "C1'" B DT 11 ? ? N1 B DT 11 ? ? 111.50 108.30 3.20  0.30 N 
22 1 "O4'" B DC 12 ? ? "C1'" B DC 12 ? ? N1 B DC 12 ? ? 110.89 108.30 2.59  0.30 N 
# 
_struct_site_keywords.site_id   1 
_struct_site_keywords.text      INTERCALATION 
# 
_pdbx_nmr_ensemble.entry_id                                      1MTG 
_pdbx_nmr_ensemble.conformers_calculated_total_number            ? 
_pdbx_nmr_ensemble.conformers_submitted_total_number             1 
_pdbx_nmr_ensemble.conformer_selection_criteria                  ? 
_pdbx_nmr_ensemble.average_constraints_per_residue               ? 
_pdbx_nmr_ensemble.average_constraint_violations_per_residue     ? 
_pdbx_nmr_ensemble.maximum_distance_constraint_violation         ? 
_pdbx_nmr_ensemble.average_distance_constraint_violation         ? 
_pdbx_nmr_ensemble.maximum_upper_distance_constraint_violation   ? 
_pdbx_nmr_ensemble.maximum_lower_distance_constraint_violation   ? 
_pdbx_nmr_ensemble.distance_constraint_violation_method          ? 
_pdbx_nmr_ensemble.maximum_torsion_angle_constraint_violation    ? 
_pdbx_nmr_ensemble.average_torsion_angle_constraint_violation    ? 
_pdbx_nmr_ensemble.torsion_angle_constraint_violation_method     ? 
# 
_pdbx_nmr_representative.entry_id             1MTG 
_pdbx_nmr_representative.conformer_id         1 
_pdbx_nmr_representative.selection_criteria   'minimized average structure' 
# 
loop_
_pdbx_nmr_sample_details.solution_id 
_pdbx_nmr_sample_details.contents 
_pdbx_nmr_sample_details.solvent_system 
1 '2mM Bleomycin/DNA complex; 20 mM Phosphate Buffer; 0.1 M NaCl' '90% H2O/10% D2O' 
2 '2mM Bleomycin/DNA complex; 20 mM Phosphate Buffer; 0.1 M NaCl' D2O               
# 
loop_
_pdbx_nmr_exptl_sample_conditions.conditions_id 
_pdbx_nmr_exptl_sample_conditions.temperature 
_pdbx_nmr_exptl_sample_conditions.pressure 
_pdbx_nmr_exptl_sample_conditions.pH 
_pdbx_nmr_exptl_sample_conditions.ionic_strength 
_pdbx_nmr_exptl_sample_conditions.pressure_units 
_pdbx_nmr_exptl_sample_conditions.temperature_units 
1 298 ambient 7.4 '0.1 M NaCl' ? K 
2 298 ambient 7.4 '0.1 M NaCl' ? K 
# 
loop_
_pdbx_nmr_exptl.experiment_id 
_pdbx_nmr_exptl.solution_id 
_pdbx_nmr_exptl.conditions_id 
_pdbx_nmr_exptl.type 
1 1 1 '2D NOESY'       
2 1 1 '2D TOCSY'       
3 1 1 DQF-COSY         
4 2 1 '2D NOESY'       
5 2 1 '2D 13C-HSQC'    
6 2 1 '2D 31P/1H-COSY' 
# 
_pdbx_nmr_refine.entry_id           1MTG 
_pdbx_nmr_refine.method             'molecular dynamics, simulated annealing, molecular dynamics' 
_pdbx_nmr_refine.details            
;The structure is based on a total of 
348 NOE distance restraints (196 DNA, 112 Bleomycin, 34 intermolecular).
;
_pdbx_nmr_refine.software_ordinal   1 
# 
loop_
_pdbx_nmr_software.name 
_pdbx_nmr_software.version 
_pdbx_nmr_software.classification 
_pdbx_nmr_software.authors 
_pdbx_nmr_software.ordinal 
XwinNMR 1.3 collection      'Bruker Instruments' 1 
XwinNMR 1.3 processing      'Bruker Instruments' 2 
Felix   2.3 'data analysis' Biosym               3 
X-PLOR  3.1 refinement      'Axel Brunger'       4 
# 
loop_
_chem_comp_atom.comp_id 
_chem_comp_atom.atom_id 
_chem_comp_atom.type_symbol 
_chem_comp_atom.pdbx_aromatic_flag 
_chem_comp_atom.pdbx_stereo_config 
_chem_comp_atom.pdbx_ordinal 
3CO CO     CO N N 1   
BLM NA     N  N N 2   
BLM C2     C  N S 3   
BLM C1     C  N N 4   
BLM O1     O  N N 5   
BLM NC     N  N N 6   
BLM C3     C  N N 7   
BLM NB     N  N N 8   
BLM ND     N  N N 9   
BLM C5     C  N N 10  
BLM C4     C  N N 11  
BLM O4     O  N N 12  
BLM C8     C  Y N 13  
BLM C9     C  Y N 14  
BLM C10    C  Y N 15  
BLM NG     N  Y N 16  
BLM C7     C  Y N 17  
BLM NE     N  Y N 18  
BLM C6     C  N S 19  
BLM NF     N  N N 20  
BLM CA     C  N N 21  
BLM C12    C  N N 22  
BLM O12    O  N N 23  
BLM NH     N  N N 24  
BLM C13    C  N S 25  
BLM C30    C  N N 26  
BLM O30    O  N N 27  
BLM C14    C  N R 28  
BLM C27    C  Y N 29  
BLM OH1    O  N N 30  
BLM NJ     N  Y N 31  
BLM C28    C  Y N 32  
BLM C29    C  Y N 33  
BLM NI     N  Y N 34  
BLM NK     N  N N 35  
BLM C34    C  N S 36  
BLM C36    C  N N 37  
BLM O36    O  N N 38  
BLM OH2    O  N N 39  
BLM C31    C  N R 40  
BLM CB     C  N N 41  
BLM C33    C  N S 42  
BLM CC     C  N N 43  
BLM NL     N  N N 44  
BLM C37    C  N S 45  
BLM C40    C  N N 46  
BLM O40    O  N N 47  
BLM C38    C  N R 48  
BLM OH3    O  N N 49  
BLM CD     C  N N 50  
BLM NM     N  N N 51  
BLM C42    C  N N 52  
BLM C49    C  N N 53  
BLM O49    O  N N 54  
BLM C43    C  Y N 55  
BLM C41    C  N N 56  
BLM S43    S  Y N 57  
BLM C44    C  Y N 58  
BLM C45    C  Y N 59  
BLM NN     N  Y N 60  
BLM C47    C  Y N 61  
BLM C48    C  Y N 62  
BLM NO     N  Y N 63  
BLM C46    C  Y N 64  
BLM S46    S  Y N 65  
BLM NP     N  N N 66  
BLM C50    C  N N 67  
BLM C51    C  N N 68  
BLM C52    C  N N 69  
BLM S53    S  N N 70  
BLM C55    C  N N 71  
BLM C54    C  N N 72  
BLM O59    O  N N 73  
BLM O58    O  N N 74  
BLM C61    C  N N 75  
BLM O61    O  N N 76  
BLM O56    O  N N 77  
BLM C60    C  N S 78  
BLM O62    O  N N 79  
BLM C63    C  N R 80  
BLM C57    C  N S 81  
BLM C58    C  N S 82  
BLM C59    C  N S 83  
BLM C69    C  N S 84  
BLM C68    C  N S 85  
BLM C67    C  N R 86  
BLM C65    C  N R 87  
BLM O64    O  N N 88  
BLM C64    C  N R 89  
BLM O68    O  N N 90  
BLM O67    O  N N 91  
BLM O69    O  N N 92  
BLM NQ     N  N N 93  
BLM C70    C  N N 94  
BLM O70    O  N N 95  
BLM O66    O  N N 96  
BLM C66    C  N N 97  
BLM HA2    H  N N 98  
BLM HA1    H  N N 99  
BLM H2     H  N N 100 
BLM HNC    H  N N 101 
BLM H3E    H  N N 102 
BLM H3X    H  N N 103 
BLM HB1    H  N N 104 
BLM HB2    H  N N 105 
BLM HD2    H  N N 106 
BLM HD1    H  N N 107 
BLM H5E    H  N N 108 
BLM H5X    H  N N 109 
BLM H6     H  N N 110 
BLM HF2    H  N N 111 
BLM HF1    H  N N 112 
BLM HAA    H  N N 113 
BLM HAB    H  N N 114 
BLM HAC    H  N N 115 
BLM HNH    H  N N 116 
BLM H13    H  N N 117 
BLM H14    H  N N 118 
BLM H28    H  N N 119 
BLM H29    H  N N 120 
BLM HNI    H  N N 121 
BLM HNK    H  N N 122 
BLM H34    H  N N 123 
BLM HO2    H  N N 124 
BLM H31    H  N N 125 
BLM HBA    H  N N 126 
BLM HBB    H  N N 127 
BLM HBC    H  N N 128 
BLM H33    H  N N 129 
BLM HCB    H  N N 130 
BLM HCC    H  N N 131 
BLM HCA    H  N N 132 
BLM HNL    H  N N 133 
BLM H37    H  N N 134 
BLM H38    H  N N 135 
BLM HO3    H  N N 136 
BLM HDB    H  N N 137 
BLM HDC    H  N N 138 
BLM HDA    H  N N 139 
BLM HNM    H  N N 140 
BLM H2E    H  N N 141 
BLM H2X    H  N N 142 
BLM H1E    H  N N 143 
BLM H1X    H  N N 144 
BLM H44    H  N N 145 
BLM H47    H  N N 146 
BLM HNP    H  N N 147 
BLM H501   H  N N 148 
BLM H502   H  N N 149 
BLM H511   H  N N 150 
BLM H512   H  N N 151 
BLM H521   H  N N 152 
BLM H522   H  N N 153 
BLM H53    H  N N 154 
BLM H551   H  N N 155 
BLM H552   H  N N 156 
BLM H553   H  N N 157 
BLM H541   H  N N 158 
BLM H542   H  N N 159 
BLM H543   H  N N 160 
BLM HO59   H  N N 161 
BLM HO58   H  N N 162 
BLM H611   H  N N 163 
BLM H612   H  N N 164 
BLM HO61   H  N N 165 
BLM H60    H  N N 166 
BLM H63    H  N N 167 
BLM H57    H  N N 168 
BLM H58    H  N N 169 
BLM H59    H  N N 170 
BLM H69    H  N N 171 
BLM H68    H  N N 172 
BLM H67    H  N N 173 
BLM H65    H  N N 174 
BLM H64    H  N N 175 
BLM HO67   H  N N 176 
BLM HO69   H  N N 177 
BLM HNQ1   H  N N 178 
BLM HNQ2   H  N N 179 
BLM HO66   H  N N 180 
BLM H661   H  N N 181 
BLM H662   H  N N 182 
DA  OP3    O  N N 183 
DA  P      P  N N 184 
DA  OP1    O  N N 185 
DA  OP2    O  N N 186 
DA  "O5'"  O  N N 187 
DA  "C5'"  C  N N 188 
DA  "C4'"  C  N R 189 
DA  "O4'"  O  N N 190 
DA  "C3'"  C  N S 191 
DA  "O3'"  O  N N 192 
DA  "C2'"  C  N N 193 
DA  "C1'"  C  N R 194 
DA  N9     N  Y N 195 
DA  C8     C  Y N 196 
DA  N7     N  Y N 197 
DA  C5     C  Y N 198 
DA  C6     C  Y N 199 
DA  N6     N  N N 200 
DA  N1     N  Y N 201 
DA  C2     C  Y N 202 
DA  N3     N  Y N 203 
DA  C4     C  Y N 204 
DA  HOP3   H  N N 205 
DA  HOP2   H  N N 206 
DA  "H5'"  H  N N 207 
DA  "H5''" H  N N 208 
DA  "H4'"  H  N N 209 
DA  "H3'"  H  N N 210 
DA  "HO3'" H  N N 211 
DA  "H2'"  H  N N 212 
DA  "H2''" H  N N 213 
DA  "H1'"  H  N N 214 
DA  H8     H  N N 215 
DA  H61    H  N N 216 
DA  H62    H  N N 217 
DA  H2     H  N N 218 
DC  OP3    O  N N 219 
DC  P      P  N N 220 
DC  OP1    O  N N 221 
DC  OP2    O  N N 222 
DC  "O5'"  O  N N 223 
DC  "C5'"  C  N N 224 
DC  "C4'"  C  N R 225 
DC  "O4'"  O  N N 226 
DC  "C3'"  C  N S 227 
DC  "O3'"  O  N N 228 
DC  "C2'"  C  N N 229 
DC  "C1'"  C  N R 230 
DC  N1     N  N N 231 
DC  C2     C  N N 232 
DC  O2     O  N N 233 
DC  N3     N  N N 234 
DC  C4     C  N N 235 
DC  N4     N  N N 236 
DC  C5     C  N N 237 
DC  C6     C  N N 238 
DC  HOP3   H  N N 239 
DC  HOP2   H  N N 240 
DC  "H5'"  H  N N 241 
DC  "H5''" H  N N 242 
DC  "H4'"  H  N N 243 
DC  "H3'"  H  N N 244 
DC  "HO3'" H  N N 245 
DC  "H2'"  H  N N 246 
DC  "H2''" H  N N 247 
DC  "H1'"  H  N N 248 
DC  H41    H  N N 249 
DC  H42    H  N N 250 
DC  H5     H  N N 251 
DC  H6     H  N N 252 
DG  OP3    O  N N 253 
DG  P      P  N N 254 
DG  OP1    O  N N 255 
DG  OP2    O  N N 256 
DG  "O5'"  O  N N 257 
DG  "C5'"  C  N N 258 
DG  "C4'"  C  N R 259 
DG  "O4'"  O  N N 260 
DG  "C3'"  C  N S 261 
DG  "O3'"  O  N N 262 
DG  "C2'"  C  N N 263 
DG  "C1'"  C  N R 264 
DG  N9     N  Y N 265 
DG  C8     C  Y N 266 
DG  N7     N  Y N 267 
DG  C5     C  Y N 268 
DG  C6     C  N N 269 
DG  O6     O  N N 270 
DG  N1     N  N N 271 
DG  C2     C  N N 272 
DG  N2     N  N N 273 
DG  N3     N  N N 274 
DG  C4     C  Y N 275 
DG  HOP3   H  N N 276 
DG  HOP2   H  N N 277 
DG  "H5'"  H  N N 278 
DG  "H5''" H  N N 279 
DG  "H4'"  H  N N 280 
DG  "H3'"  H  N N 281 
DG  "HO3'" H  N N 282 
DG  "H2'"  H  N N 283 
DG  "H2''" H  N N 284 
DG  "H1'"  H  N N 285 
DG  H8     H  N N 286 
DG  H1     H  N N 287 
DG  H21    H  N N 288 
DG  H22    H  N N 289 
DT  OP3    O  N N 290 
DT  P      P  N N 291 
DT  OP1    O  N N 292 
DT  OP2    O  N N 293 
DT  "O5'"  O  N N 294 
DT  "C5'"  C  N N 295 
DT  "C4'"  C  N R 296 
DT  "O4'"  O  N N 297 
DT  "C3'"  C  N S 298 
DT  "O3'"  O  N N 299 
DT  "C2'"  C  N N 300 
DT  "C1'"  C  N R 301 
DT  N1     N  N N 302 
DT  C2     C  N N 303 
DT  O2     O  N N 304 
DT  N3     N  N N 305 
DT  C4     C  N N 306 
DT  O4     O  N N 307 
DT  C5     C  N N 308 
DT  C7     C  N N 309 
DT  C6     C  N N 310 
DT  HOP3   H  N N 311 
DT  HOP2   H  N N 312 
DT  "H5'"  H  N N 313 
DT  "H5''" H  N N 314 
DT  "H4'"  H  N N 315 
DT  "H3'"  H  N N 316 
DT  "HO3'" H  N N 317 
DT  "H2'"  H  N N 318 
DT  "H2''" H  N N 319 
DT  "H1'"  H  N N 320 
DT  H3     H  N N 321 
DT  H71    H  N N 322 
DT  H72    H  N N 323 
DT  H73    H  N N 324 
DT  H6     H  N N 325 
PEO O1     O  N N 326 
PEO O2     O  N N 327 
PEO HO1    H  N N 328 
PEO HO2    H  N N 329 
# 
loop_
_chem_comp_bond.comp_id 
_chem_comp_bond.atom_id_1 
_chem_comp_bond.atom_id_2 
_chem_comp_bond.value_order 
_chem_comp_bond.pdbx_aromatic_flag 
_chem_comp_bond.pdbx_stereo_config 
_chem_comp_bond.pdbx_ordinal 
BLM NA    C1     sing N N 1   
BLM NA    HA2    sing N N 2   
BLM NA    HA1    sing N N 3   
BLM C2    C1     sing N N 4   
BLM C2    C3     sing N N 5   
BLM C2    NB     sing N N 6   
BLM C2    H2     sing N N 7   
BLM C1    O1     doub N N 8   
BLM NC    C3     sing N N 9   
BLM NC    C6     sing N N 10  
BLM NC    HNC    sing N N 11  
BLM C3    H3E    sing N N 12  
BLM C3    H3X    sing N N 13  
BLM NB    HB1    sing N N 14  
BLM NB    HB2    sing N N 15  
BLM ND    C4     sing N N 16  
BLM ND    HD2    sing N N 17  
BLM ND    HD1    sing N N 18  
BLM C5    C4     sing N N 19  
BLM C5    C6     sing N N 20  
BLM C5    H5E    sing N N 21  
BLM C5    H5X    sing N N 22  
BLM C4    O4     doub N N 23  
BLM C8    C9     doub Y N 24  
BLM C8    NE     sing Y N 25  
BLM C8    NF     sing N N 26  
BLM C9    C10    sing Y N 27  
BLM C9    CA     sing N N 28  
BLM C10   NG     doub Y N 29  
BLM C10   C12    sing N N 30  
BLM NG    C7     sing Y N 31  
BLM C7    NE     doub Y N 32  
BLM C7    C6     sing N N 33  
BLM C6    H6     sing N N 34  
BLM NF    HF2    sing N N 35  
BLM NF    HF1    sing N N 36  
BLM CA    HAA    sing N N 37  
BLM CA    HAB    sing N N 38  
BLM CA    HAC    sing N N 39  
BLM C12   O12    doub N N 40  
BLM C12   NH     sing N N 41  
BLM NH    C13    sing N N 42  
BLM NH    HNH    sing N N 43  
BLM C13   C30    sing N N 44  
BLM C13   C14    sing N N 45  
BLM C13   H13    sing N N 46  
BLM C30   O30    doub N N 47  
BLM C30   NK     sing N N 48  
BLM C14   C27    sing N N 49  
BLM C14   OH1    sing N N 50  
BLM C14   H14    sing N N 51  
BLM C27   NJ     sing Y N 52  
BLM C27   C28    doub Y N 53  
BLM OH1   C63    sing N N 54  
BLM NJ    C29    doub Y N 55  
BLM C28   NI     sing Y N 56  
BLM C28   H28    sing N N 57  
BLM C29   NI     sing Y N 58  
BLM C29   H29    sing N N 59  
BLM NI    HNI    sing N N 60  
BLM NK    C31    sing N N 61  
BLM NK    HNK    sing N N 62  
BLM C34   C36    sing N N 63  
BLM C34   C33    sing N N 64  
BLM C34   CC     sing N N 65  
BLM C34   H34    sing N N 66  
BLM C36   O36    doub N N 67  
BLM C36   NL     sing N N 68  
BLM OH2   C33    sing N N 69  
BLM OH2   HO2    sing N N 70  
BLM C31   CB     sing N N 71  
BLM C31   C33    sing N N 72  
BLM C31   H31    sing N N 73  
BLM CB    HBA    sing N N 74  
BLM CB    HBB    sing N N 75  
BLM CB    HBC    sing N N 76  
BLM C33   H33    sing N N 77  
BLM CC    HCB    sing N N 78  
BLM CC    HCC    sing N N 79  
BLM CC    HCA    sing N N 80  
BLM NL    C37    sing N N 81  
BLM NL    HNL    sing N N 82  
BLM C37   C40    sing N N 83  
BLM C37   C38    sing N N 84  
BLM C37   H37    sing N N 85  
BLM C40   O40    doub N N 86  
BLM C40   NM     sing N N 87  
BLM C38   OH3    sing N N 88  
BLM C38   CD     sing N N 89  
BLM C38   H38    sing N N 90  
BLM OH3   HO3    sing N N 91  
BLM CD    HDB    sing N N 92  
BLM CD    HDC    sing N N 93  
BLM CD    HDA    sing N N 94  
BLM NM    C41    sing N N 95  
BLM NM    HNM    sing N N 96  
BLM C42   C43    sing N N 97  
BLM C42   C41    sing N N 98  
BLM C42   H2E    sing N N 99  
BLM C42   H2X    sing N N 100 
BLM C49   O49    doub N N 101 
BLM C49   C48    sing N N 102 
BLM C49   NP     sing N N 103 
BLM C43   S43    sing Y N 104 
BLM C43   NN     doub Y N 105 
BLM C41   H1E    sing N N 106 
BLM C41   H1X    sing N N 107 
BLM S43   C44    sing Y N 108 
BLM C44   C45    doub Y N 109 
BLM C44   H44    sing N N 110 
BLM C45   NN     sing Y N 111 
BLM C45   C46    sing Y N 112 
BLM C47   C48    doub Y N 113 
BLM C47   S46    sing Y N 114 
BLM C47   H47    sing N N 115 
BLM C48   NO     sing Y N 116 
BLM NO    C46    doub Y N 117 
BLM C46   S46    sing Y N 118 
BLM NP    C50    sing N N 119 
BLM NP    HNP    sing N N 120 
BLM C50   C51    sing N N 121 
BLM C50   H501   sing N N 122 
BLM C50   H502   sing N N 123 
BLM C51   C52    sing N N 124 
BLM C51   H511   sing N N 125 
BLM C51   H512   sing N N 126 
BLM C52   S53    sing N N 127 
BLM C52   H521   sing N N 128 
BLM C52   H522   sing N N 129 
BLM S53   C55    sing N N 130 
BLM S53   C54    sing N N 131 
BLM S53   H53    sing N N 132 
BLM C55   H551   sing N N 133 
BLM C55   H552   sing N N 134 
BLM C55   H553   sing N N 135 
BLM C54   H541   sing N N 136 
BLM C54   H542   sing N N 137 
BLM C54   H543   sing N N 138 
BLM O59   C59    sing N N 139 
BLM O59   HO59   sing N N 140 
BLM O58   C58    sing N N 141 
BLM O58   HO58   sing N N 142 
BLM C61   O61    sing N N 143 
BLM C61   C60    sing N N 144 
BLM C61   H611   sing N N 145 
BLM C61   H612   sing N N 146 
BLM O61   HO61   sing N N 147 
BLM O56   C57    sing N N 148 
BLM O56   C64    sing N N 149 
BLM C60   O62    sing N N 150 
BLM C60   C59    sing N N 151 
BLM C60   H60    sing N N 152 
BLM O62   C63    sing N N 153 
BLM C63   C57    sing N N 154 
BLM C63   H63    sing N N 155 
BLM C57   C58    sing N N 156 
BLM C57   H57    sing N N 157 
BLM C58   C59    sing N N 158 
BLM C58   H58    sing N N 159 
BLM C59   H59    sing N N 160 
BLM C69   C68    sing N N 161 
BLM C69   C64    sing N N 162 
BLM C69   O69    sing N N 163 
BLM C69   H69    sing N N 164 
BLM C68   C67    sing N N 165 
BLM C68   O68    sing N N 166 
BLM C68   H68    sing N N 167 
BLM C67   C65    sing N N 168 
BLM C67   O67    sing N N 169 
BLM C67   H67    sing N N 170 
BLM C65   O64    sing N N 171 
BLM C65   C66    sing N N 172 
BLM C65   H65    sing N N 173 
BLM O64   C64    sing N N 174 
BLM C64   H64    sing N N 175 
BLM O68   C70    sing N N 176 
BLM O67   HO67   sing N N 177 
BLM O69   HO69   sing N N 178 
BLM NQ    C70    sing N N 179 
BLM NQ    HNQ1   sing N N 180 
BLM NQ    HNQ2   sing N N 181 
BLM C70   O70    doub N N 182 
BLM O66   C66    sing N N 183 
BLM O66   HO66   sing N N 184 
BLM C66   H661   sing N N 185 
BLM C66   H662   sing N N 186 
DA  OP3   P      sing N N 187 
DA  OP3   HOP3   sing N N 188 
DA  P     OP1    doub N N 189 
DA  P     OP2    sing N N 190 
DA  P     "O5'"  sing N N 191 
DA  OP2   HOP2   sing N N 192 
DA  "O5'" "C5'"  sing N N 193 
DA  "C5'" "C4'"  sing N N 194 
DA  "C5'" "H5'"  sing N N 195 
DA  "C5'" "H5''" sing N N 196 
DA  "C4'" "O4'"  sing N N 197 
DA  "C4'" "C3'"  sing N N 198 
DA  "C4'" "H4'"  sing N N 199 
DA  "O4'" "C1'"  sing N N 200 
DA  "C3'" "O3'"  sing N N 201 
DA  "C3'" "C2'"  sing N N 202 
DA  "C3'" "H3'"  sing N N 203 
DA  "O3'" "HO3'" sing N N 204 
DA  "C2'" "C1'"  sing N N 205 
DA  "C2'" "H2'"  sing N N 206 
DA  "C2'" "H2''" sing N N 207 
DA  "C1'" N9     sing N N 208 
DA  "C1'" "H1'"  sing N N 209 
DA  N9    C8     sing Y N 210 
DA  N9    C4     sing Y N 211 
DA  C8    N7     doub Y N 212 
DA  C8    H8     sing N N 213 
DA  N7    C5     sing Y N 214 
DA  C5    C6     sing Y N 215 
DA  C5    C4     doub Y N 216 
DA  C6    N6     sing N N 217 
DA  C6    N1     doub Y N 218 
DA  N6    H61    sing N N 219 
DA  N6    H62    sing N N 220 
DA  N1    C2     sing Y N 221 
DA  C2    N3     doub Y N 222 
DA  C2    H2     sing N N 223 
DA  N3    C4     sing Y N 224 
DC  OP3   P      sing N N 225 
DC  OP3   HOP3   sing N N 226 
DC  P     OP1    doub N N 227 
DC  P     OP2    sing N N 228 
DC  P     "O5'"  sing N N 229 
DC  OP2   HOP2   sing N N 230 
DC  "O5'" "C5'"  sing N N 231 
DC  "C5'" "C4'"  sing N N 232 
DC  "C5'" "H5'"  sing N N 233 
DC  "C5'" "H5''" sing N N 234 
DC  "C4'" "O4'"  sing N N 235 
DC  "C4'" "C3'"  sing N N 236 
DC  "C4'" "H4'"  sing N N 237 
DC  "O4'" "C1'"  sing N N 238 
DC  "C3'" "O3'"  sing N N 239 
DC  "C3'" "C2'"  sing N N 240 
DC  "C3'" "H3'"  sing N N 241 
DC  "O3'" "HO3'" sing N N 242 
DC  "C2'" "C1'"  sing N N 243 
DC  "C2'" "H2'"  sing N N 244 
DC  "C2'" "H2''" sing N N 245 
DC  "C1'" N1     sing N N 246 
DC  "C1'" "H1'"  sing N N 247 
DC  N1    C2     sing N N 248 
DC  N1    C6     sing N N 249 
DC  C2    O2     doub N N 250 
DC  C2    N3     sing N N 251 
DC  N3    C4     doub N N 252 
DC  C4    N4     sing N N 253 
DC  C4    C5     sing N N 254 
DC  N4    H41    sing N N 255 
DC  N4    H42    sing N N 256 
DC  C5    C6     doub N N 257 
DC  C5    H5     sing N N 258 
DC  C6    H6     sing N N 259 
DG  OP3   P      sing N N 260 
DG  OP3   HOP3   sing N N 261 
DG  P     OP1    doub N N 262 
DG  P     OP2    sing N N 263 
DG  P     "O5'"  sing N N 264 
DG  OP2   HOP2   sing N N 265 
DG  "O5'" "C5'"  sing N N 266 
DG  "C5'" "C4'"  sing N N 267 
DG  "C5'" "H5'"  sing N N 268 
DG  "C5'" "H5''" sing N N 269 
DG  "C4'" "O4'"  sing N N 270 
DG  "C4'" "C3'"  sing N N 271 
DG  "C4'" "H4'"  sing N N 272 
DG  "O4'" "C1'"  sing N N 273 
DG  "C3'" "O3'"  sing N N 274 
DG  "C3'" "C2'"  sing N N 275 
DG  "C3'" "H3'"  sing N N 276 
DG  "O3'" "HO3'" sing N N 277 
DG  "C2'" "C1'"  sing N N 278 
DG  "C2'" "H2'"  sing N N 279 
DG  "C2'" "H2''" sing N N 280 
DG  "C1'" N9     sing N N 281 
DG  "C1'" "H1'"  sing N N 282 
DG  N9    C8     sing Y N 283 
DG  N9    C4     sing Y N 284 
DG  C8    N7     doub Y N 285 
DG  C8    H8     sing N N 286 
DG  N7    C5     sing Y N 287 
DG  C5    C6     sing N N 288 
DG  C5    C4     doub Y N 289 
DG  C6    O6     doub N N 290 
DG  C6    N1     sing N N 291 
DG  N1    C2     sing N N 292 
DG  N1    H1     sing N N 293 
DG  C2    N2     sing N N 294 
DG  C2    N3     doub N N 295 
DG  N2    H21    sing N N 296 
DG  N2    H22    sing N N 297 
DG  N3    C4     sing N N 298 
DT  OP3   P      sing N N 299 
DT  OP3   HOP3   sing N N 300 
DT  P     OP1    doub N N 301 
DT  P     OP2    sing N N 302 
DT  P     "O5'"  sing N N 303 
DT  OP2   HOP2   sing N N 304 
DT  "O5'" "C5'"  sing N N 305 
DT  "C5'" "C4'"  sing N N 306 
DT  "C5'" "H5'"  sing N N 307 
DT  "C5'" "H5''" sing N N 308 
DT  "C4'" "O4'"  sing N N 309 
DT  "C4'" "C3'"  sing N N 310 
DT  "C4'" "H4'"  sing N N 311 
DT  "O4'" "C1'"  sing N N 312 
DT  "C3'" "O3'"  sing N N 313 
DT  "C3'" "C2'"  sing N N 314 
DT  "C3'" "H3'"  sing N N 315 
DT  "O3'" "HO3'" sing N N 316 
DT  "C2'" "C1'"  sing N N 317 
DT  "C2'" "H2'"  sing N N 318 
DT  "C2'" "H2''" sing N N 319 
DT  "C1'" N1     sing N N 320 
DT  "C1'" "H1'"  sing N N 321 
DT  N1    C2     sing N N 322 
DT  N1    C6     sing N N 323 
DT  C2    O2     doub N N 324 
DT  C2    N3     sing N N 325 
DT  N3    C4     sing N N 326 
DT  N3    H3     sing N N 327 
DT  C4    O4     doub N N 328 
DT  C4    C5     sing N N 329 
DT  C5    C7     sing N N 330 
DT  C5    C6     doub N N 331 
DT  C7    H71    sing N N 332 
DT  C7    H72    sing N N 333 
DT  C7    H73    sing N N 334 
DT  C6    H6     sing N N 335 
PEO O1    O2     sing N N 336 
PEO O1    HO1    sing N N 337 
PEO O2    HO2    sing N N 338 
# 
loop_
_ndb_struct_conf_na.entry_id 
_ndb_struct_conf_na.feature 
1MTG 'double helix'        
1MTG 'b-form double helix' 
# 
loop_
_ndb_struct_na_base_pair.model_number 
_ndb_struct_na_base_pair.i_label_asym_id 
_ndb_struct_na_base_pair.i_label_comp_id 
_ndb_struct_na_base_pair.i_label_seq_id 
_ndb_struct_na_base_pair.i_symmetry 
_ndb_struct_na_base_pair.j_label_asym_id 
_ndb_struct_na_base_pair.j_label_comp_id 
_ndb_struct_na_base_pair.j_label_seq_id 
_ndb_struct_na_base_pair.j_symmetry 
_ndb_struct_na_base_pair.shear 
_ndb_struct_na_base_pair.stretch 
_ndb_struct_na_base_pair.stagger 
_ndb_struct_na_base_pair.buckle 
_ndb_struct_na_base_pair.propeller 
_ndb_struct_na_base_pair.opening 
_ndb_struct_na_base_pair.pair_number 
_ndb_struct_na_base_pair.pair_name 
_ndb_struct_na_base_pair.i_auth_asym_id 
_ndb_struct_na_base_pair.i_auth_seq_id 
_ndb_struct_na_base_pair.i_PDB_ins_code 
_ndb_struct_na_base_pair.j_auth_asym_id 
_ndb_struct_na_base_pair.j_auth_seq_id 
_ndb_struct_na_base_pair.j_PDB_ins_code 
_ndb_struct_na_base_pair.hbond_type_28 
_ndb_struct_na_base_pair.hbond_type_12 
1 A DG 1 1_555 B DC 6 1_555 -0.830 -0.196 0.003  -1.099  -4.748  -1.516  1 A_DG1:DC12_B A 1 ? B 12 ? 19 1 
1 A DA 2 1_555 B DT 5 1_555 0.187  -0.011 0.517  4.762   -12.709 -10.429 2 A_DA2:DT11_B A 2 ? B 11 ? 20 1 
1 A DG 3 1_555 B DC 4 1_555 -0.095 -0.034 -0.268 1.312   -6.057  -1.908  3 A_DG3:DC10_B A 3 ? B 10 ? 19 1 
1 A DC 4 1_555 B DG 3 1_555 -0.016 -0.067 0.160  13.308  -12.217 -6.315  4 A_DC4:DG9_B  A 4 ? B 9  ? 19 1 
1 A DT 5 1_555 B DA 2 1_555 -0.033 0.027  0.391  -14.970 7.197   1.000   5 A_DT5:DA8_B  A 5 ? B 8  ? 20 1 
1 A DC 6 1_555 B DG 1 1_555 0.800  -0.177 0.006  4.737   -0.502  -2.214  6 A_DC6:DG7_B  A 6 ? B 7  ? 19 1 
# 
loop_
_ndb_struct_na_base_pair_step.model_number 
_ndb_struct_na_base_pair_step.i_label_asym_id_1 
_ndb_struct_na_base_pair_step.i_label_comp_id_1 
_ndb_struct_na_base_pair_step.i_label_seq_id_1 
_ndb_struct_na_base_pair_step.i_symmetry_1 
_ndb_struct_na_base_pair_step.j_label_asym_id_1 
_ndb_struct_na_base_pair_step.j_label_comp_id_1 
_ndb_struct_na_base_pair_step.j_label_seq_id_1 
_ndb_struct_na_base_pair_step.j_symmetry_1 
_ndb_struct_na_base_pair_step.i_label_asym_id_2 
_ndb_struct_na_base_pair_step.i_label_comp_id_2 
_ndb_struct_na_base_pair_step.i_label_seq_id_2 
_ndb_struct_na_base_pair_step.i_symmetry_2 
_ndb_struct_na_base_pair_step.j_label_asym_id_2 
_ndb_struct_na_base_pair_step.j_label_comp_id_2 
_ndb_struct_na_base_pair_step.j_label_seq_id_2 
_ndb_struct_na_base_pair_step.j_symmetry_2 
_ndb_struct_na_base_pair_step.shift 
_ndb_struct_na_base_pair_step.slide 
_ndb_struct_na_base_pair_step.rise 
_ndb_struct_na_base_pair_step.tilt 
_ndb_struct_na_base_pair_step.roll 
_ndb_struct_na_base_pair_step.twist 
_ndb_struct_na_base_pair_step.x_displacement 
_ndb_struct_na_base_pair_step.y_displacement 
_ndb_struct_na_base_pair_step.helical_rise 
_ndb_struct_na_base_pair_step.inclination 
_ndb_struct_na_base_pair_step.tip 
_ndb_struct_na_base_pair_step.helical_twist 
_ndb_struct_na_base_pair_step.step_number 
_ndb_struct_na_base_pair_step.step_name 
_ndb_struct_na_base_pair_step.i_auth_asym_id_1 
_ndb_struct_na_base_pair_step.i_auth_seq_id_1 
_ndb_struct_na_base_pair_step.i_PDB_ins_code_1 
_ndb_struct_na_base_pair_step.j_auth_asym_id_1 
_ndb_struct_na_base_pair_step.j_auth_seq_id_1 
_ndb_struct_na_base_pair_step.j_PDB_ins_code_1 
_ndb_struct_na_base_pair_step.i_auth_asym_id_2 
_ndb_struct_na_base_pair_step.i_auth_seq_id_2 
_ndb_struct_na_base_pair_step.i_PDB_ins_code_2 
_ndb_struct_na_base_pair_step.j_auth_asym_id_2 
_ndb_struct_na_base_pair_step.j_auth_seq_id_2 
_ndb_struct_na_base_pair_step.j_PDB_ins_code_2 
1 A DG 1 1_555 B DC 6 1_555 A DA 2 1_555 B DT 5 1_555 -0.589 0.580 3.278 -1.715 1.071  40.669 0.714  0.656  3.313 1.540  2.465  
40.717 1 AA_DG1DA2:DT11DC12_BB A 1 ? B 12 ? A 2 ? B 11 ? 
1 A DA 2 1_555 B DT 5 1_555 A DG 3 1_555 B DC 4 1_555 0.380  0.933 3.690 2.524  3.900  31.966 0.883  -0.169 3.792 7.036  -4.553 
32.293 2 AA_DA2DG3:DC10DT11_BB A 2 ? B 11 ? A 3 ? B 10 ? 
1 A DG 3 1_555 B DC 4 1_555 A DC 4 1_555 B DG 3 1_555 -0.466 0.466 2.841 -3.815 -2.776 33.374 1.197  0.263  2.829 -4.804 6.602  
33.696 3 AA_DG3DC4:DG9DC10_BB  A 3 ? B 10 ? A 4 ? B 9  ? 
1 A DC 4 1_555 B DG 3 1_555 A DT 5 1_555 B DA 2 1_555 0.619  0.835 6.375 -2.598 6.751  34.957 -0.561 -1.750 6.360 11.092 4.268  
35.674 4 AA_DC4DT5:DA8DG9_BB   A 4 ? B 9  ? A 5 ? B 8  ? 
1 A DT 5 1_555 B DA 2 1_555 A DC 6 1_555 B DG 1 1_555 -0.570 1.319 2.746 3.579  5.196  28.783 1.634  1.784  2.845 10.296 -7.093 
29.452 5 AA_DT5DC6:DG7DA8_BB   A 5 ? B 8  ? A 6 ? B 7  ? 
# 
_pdbx_nmr_spectrometer.spectrometer_id   1 
_pdbx_nmr_spectrometer.type              ? 
_pdbx_nmr_spectrometer.manufacturer      Bruker 
_pdbx_nmr_spectrometer.model             DRX 
_pdbx_nmr_spectrometer.field_strength    500 
# 
_atom_sites.entry_id                    1MTG 
_atom_sites.fract_transf_matrix[1][1]   1.000000 
_atom_sites.fract_transf_matrix[1][2]   0.000000 
_atom_sites.fract_transf_matrix[1][3]   0.000000 
_atom_sites.fract_transf_matrix[2][1]   0.000000 
_atom_sites.fract_transf_matrix[2][2]   1.000000 
_atom_sites.fract_transf_matrix[2][3]   0.000000 
_atom_sites.fract_transf_matrix[3][1]   0.000000 
_atom_sites.fract_transf_matrix[3][2]   0.000000 
_atom_sites.fract_transf_matrix[3][3]   1.000000 
_atom_sites.fract_transf_vector[1]      0.00000 
_atom_sites.fract_transf_vector[2]      0.00000 
_atom_sites.fract_transf_vector[3]      0.00000 
# 
loop_
_atom_type.symbol 
C  
CO 
H  
N  
O  
P  
S  
# 
loop_
_atom_site.group_PDB 
_atom_site.id 
_atom_site.type_symbol 
_atom_site.label_atom_id 
_atom_site.label_alt_id 
_atom_site.label_comp_id 
_atom_site.label_asym_id 
_atom_site.label_entity_id 
_atom_site.label_seq_id 
_atom_site.pdbx_PDB_ins_code 
_atom_site.Cartn_x 
_atom_site.Cartn_y 
_atom_site.Cartn_z 
_atom_site.occupancy 
_atom_site.B_iso_or_equiv 
_atom_site.pdbx_formal_charge 
_atom_site.auth_seq_id 
_atom_site.auth_comp_id 
_atom_site.auth_asym_id 
_atom_site.auth_atom_id 
_atom_site.pdbx_PDB_model_num 
ATOM   1   O  "O5'"  . DG  A 1 1 ? -3.207  12.903  10.328 1.00 0.48 ? 1  DG  A "O5'"  1 
ATOM   2   C  "C5'"  . DG  A 1 1 ? -2.162  11.927  10.297 1.00 0.45 ? 1  DG  A "C5'"  1 
ATOM   3   C  "C4'"  . DG  A 1 1 ? -2.004  11.325  8.904  1.00 0.37 ? 1  DG  A "C4'"  1 
ATOM   4   O  "O4'"  . DG  A 1 1 ? -0.957  10.329  8.890  1.00 0.37 ? 1  DG  A "O4'"  1 
ATOM   5   C  "C3'"  . DG  A 1 1 ? -3.300  10.663  8.453  1.00 0.33 ? 1  DG  A "C3'"  1 
ATOM   6   O  "O3'"  . DG  A 1 1 ? -3.816  11.307  7.276  1.00 0.31 ? 1  DG  A "O3'"  1 
ATOM   7   C  "C2'"  . DG  A 1 1 ? -2.953  9.217   8.189  1.00 0.27 ? 1  DG  A "C2'"  1 
ATOM   8   C  "C1'"  . DG  A 1 1 ? -1.449  9.090   8.339  1.00 0.28 ? 1  DG  A "C1'"  1 
ATOM   9   N  N9     . DG  A 1 1 ? -1.107  7.956   9.215  1.00 0.29 ? 1  DG  A N9     1 
ATOM   10  C  C8     . DG  A 1 1 ? -1.446  7.737   10.507 1.00 0.34 ? 1  DG  A C8     1 
ATOM   11  N  N7     . DG  A 1 1 ? -0.997  6.667   11.071 1.00 0.34 ? 1  DG  A N7     1 
ATOM   12  C  C5     . DG  A 1 1 ? -0.264  6.085   10.032 1.00 0.29 ? 1  DG  A C5     1 
ATOM   13  C  C6     . DG  A 1 1 ? 0.482   4.877   10.006 1.00 0.26 ? 1  DG  A C6     1 
ATOM   14  O  O6     . DG  A 1 1 ? 0.656   4.064   10.910 1.00 0.28 ? 1  DG  A O6     1 
ATOM   15  N  N1     . DG  A 1 1 ? 1.061   4.666   8.766  1.00 0.22 ? 1  DG  A N1     1 
ATOM   16  C  C2     . DG  A 1 1 ? 0.945   5.500   7.679  1.00 0.22 ? 1  DG  A C2     1 
ATOM   17  N  N2     . DG  A 1 1 ? 1.575   5.114   6.575  1.00 0.21 ? 1  DG  A N2     1 
ATOM   18  N  N3     . DG  A 1 1 ? 0.247   6.637   7.689  1.00 0.23 ? 1  DG  A N3     1 
ATOM   19  C  C4     . DG  A 1 1 ? -0.329  6.869   8.890  1.00 0.26 ? 1  DG  A C4     1 
ATOM   20  H  "H5'"  . DG  A 1 1 ? -2.396  11.132  11.005 1.00 0.46 ? 1  DG  A "H5'"  1 
ATOM   21  H  "H5''" . DG  A 1 1 ? -1.224  12.400  10.590 1.00 0.49 ? 1  DG  A "H5''" 1 
ATOM   22  H  "H4'"  . DG  A 1 1 ? -1.748  12.118  8.201  1.00 0.36 ? 1  DG  A "H4'"  1 
ATOM   23  H  "H3'"  . DG  A 1 1 ? -4.036  10.715  9.259  1.00 0.37 ? 1  DG  A "H3'"  1 
ATOM   24  H  "H2'"  . DG  A 1 1 ? -3.454  8.578   8.915  1.00 0.29 ? 1  DG  A "H2'"  1 
ATOM   25  H  "H2''" . DG  A 1 1 ? -3.246  8.935   7.183  1.00 0.21 ? 1  DG  A "H2''" 1 
ATOM   26  H  "H1'"  . DG  A 1 1 ? -1.002  8.930   7.357  1.00 0.25 ? 1  DG  A "H1'"  1 
ATOM   27  H  H8     . DG  A 1 1 ? -2.082  8.437   11.046 1.00 0.37 ? 1  DG  A H8     1 
ATOM   28  H  H1     . DG  A 1 1 ? 1.606   3.829   8.675  1.00 0.21 ? 1  DG  A H1     1 
ATOM   29  H  H21    . DG  A 1 1 ? 2.103   4.253   6.571  1.00 0.21 ? 1  DG  A H21    1 
ATOM   30  H  H22    . DG  A 1 1 ? 1.525   5.683   5.743  1.00 0.23 ? 1  DG  A H22    1 
ATOM   31  H  "HO5'" . DG  A 1 1 ? -3.780  12.723  9.579  1.00 0.44 ? 1  DG  A "HO5'" 1 
ATOM   32  P  P      . DA  A 1 2 ? -5.100  10.723  6.490  1.00 0.28 ? 2  DA  A P      1 
ATOM   33  O  OP1    . DA  A 1 2 ? -5.720  11.830  5.727  1.00 0.29 ? 2  DA  A OP1    1 
ATOM   34  O  OP2    . DA  A 1 2 ? -5.916  9.940   7.446  1.00 0.31 ? 2  DA  A OP2    1 
ATOM   35  O  "O5'"  . DA  A 1 2 ? -4.431  9.697   5.443  1.00 0.22 ? 2  DA  A "O5'"  1 
ATOM   36  C  "C5'"  . DA  A 1 2 ? -3.450  10.147  4.500  1.00 0.20 ? 2  DA  A "C5'"  1 
ATOM   37  C  "C4'"  . DA  A 1 2 ? -3.002  9.021   3.568  1.00 0.14 ? 2  DA  A "C4'"  1 
ATOM   38  O  "O4'"  . DA  A 1 2 ? -2.300  7.989   4.298  1.00 0.14 ? 2  DA  A "O4'"  1 
ATOM   39  C  "C3'"  . DA  A 1 2 ? -4.202  8.385   2.882  1.00 0.12 ? 2  DA  A "C3'"  1 
ATOM   40  O  "O3'"  . DA  A 1 2 ? -4.036  8.406   1.455  1.00 0.12 ? 2  DA  A "O3'"  1 
ATOM   41  C  "C2'"  . DA  A 1 2 ? -4.269  6.972   3.406  1.00 0.11 ? 2  DA  A "C2'"  1 
ATOM   42  C  "C1'"  . DA  A 1 2 ? -2.976  6.721   4.161  1.00 0.11 ? 2  DA  A "C1'"  1 
ATOM   43  N  N9     . DA  A 1 2 ? -3.224  6.127   5.491  1.00 0.12 ? 2  DA  A N9     1 
ATOM   44  C  C8     . DA  A 1 2 ? -3.990  6.584   6.511  1.00 0.14 ? 2  DA  A C8     1 
ATOM   45  N  N7     . DA  A 1 2 ? -3.974  5.919   7.618  1.00 0.15 ? 2  DA  A N7     1 
ATOM   46  C  C5     . DA  A 1 2 ? -3.090  4.881   7.308  1.00 0.14 ? 2  DA  A C5     1 
ATOM   47  C  C6     . DA  A 1 2 ? -2.613  3.791   8.046  1.00 0.14 ? 2  DA  A C6     1 
ATOM   48  N  N6     . DA  A 1 2 ? -2.973  3.553   9.305  1.00 0.16 ? 2  DA  A N6     1 
ATOM   49  N  N1     . DA  A 1 2 ? -1.754  2.957   7.438  1.00 0.13 ? 2  DA  A N1     1 
ATOM   50  C  C2     . DA  A 1 2 ? -1.384  3.175   6.173  1.00 0.11 ? 2  DA  A C2     1 
ATOM   51  N  N3     . DA  A 1 2 ? -1.774  4.172   5.382  1.00 0.11 ? 2  DA  A N3     1 
ATOM   52  C  C4     . DA  A 1 2 ? -2.633  4.996   6.015  1.00 0.12 ? 2  DA  A C4     1 
ATOM   53  H  "H5'"  . DA  A 1 2 ? -2.582  10.527  5.040  1.00 0.23 ? 2  DA  A "H5'"  1 
ATOM   54  H  "H5''" . DA  A 1 2 ? -3.876  10.953  3.901  1.00 0.21 ? 2  DA  A "H5''" 1 
ATOM   55  H  "H4'"  . DA  A 1 2 ? -2.336  9.433   2.809  1.00 0.14 ? 2  DA  A "H4'"  1 
ATOM   56  H  "H3'"  . DA  A 1 2 ? -5.110  8.922   3.160  1.00 0.16 ? 2  DA  A "H3'"  1 
ATOM   57  H  "H2'"  . DA  A 1 2 ? -5.120  6.868   4.078  1.00 0.13 ? 2  DA  A "H2'"  1 
ATOM   58  H  "H2''" . DA  A 1 2 ? -4.357  6.270   2.580  1.00 0.11 ? 2  DA  A "H2''" 1 
ATOM   59  H  "H1'"  . DA  A 1 2 ? -2.356  6.043   3.578  1.00 0.11 ? 2  DA  A "H1'"  1 
ATOM   60  H  H8     . DA  A 1 2 ? -4.604  7.478   6.399  1.00 0.15 ? 2  DA  A H8     1 
ATOM   61  H  H61    . DA  A 1 2 ? -2.598  2.753   9.795  1.00 0.17 ? 2  DA  A H61    1 
ATOM   62  H  H62    . DA  A 1 2 ? -3.619  4.173   9.771  1.00 0.18 ? 2  DA  A H62    1 
ATOM   63  H  H2     . DA  A 1 2 ? -0.685  2.459   5.742  1.00 0.11 ? 2  DA  A H2     1 
ATOM   64  P  P      . DG  A 1 3 ? -5.221  7.935   0.469  1.00 0.18 ? 3  DG  A P      1 
ATOM   65  O  OP1    . DG  A 1 3 ? -5.036  8.612   -0.834 1.00 0.22 ? 3  DG  A OP1    1 
ATOM   66  O  OP2    . DG  A 1 3 ? -6.509  8.061   1.190  1.00 0.22 ? 3  DG  A OP2    1 
ATOM   67  O  "O5'"  . DG  A 1 3 ? -4.905  6.369   0.274  1.00 0.18 ? 3  DG  A "O5'"  1 
ATOM   68  C  "C5'"  . DG  A 1 3 ? -3.735  5.935   -0.433 1.00 0.20 ? 3  DG  A "C5'"  1 
ATOM   69  C  "C4'"  . DG  A 1 3 ? -3.599  4.414   -0.407 1.00 0.22 ? 3  DG  A "C4'"  1 
ATOM   70  O  "O4'"  . DG  A 1 3 ? -3.407  3.937   0.953  1.00 0.18 ? 3  DG  A "O4'"  1 
ATOM   71  C  "C3'"  . DG  A 1 3 ? -4.865  3.758   -0.940 1.00 0.24 ? 3  DG  A "C3'"  1 
ATOM   72  O  "O3'"  . DG  A 1 3 ? -4.562  2.646   -1.784 1.00 0.32 ? 3  DG  A "O3'"  1 
ATOM   73  C  "C2'"  . DG  A 1 3 ? -5.582  3.274   0.274  1.00 0.18 ? 3  DG  A "C2'"  1 
ATOM   74  C  "C1'"  . DG  A 1 3 ? -4.506  3.070   1.319  1.00 0.15 ? 3  DG  A "C1'"  1 
ATOM   75  N  N9     . DG  A 1 3 ? -5.017  3.378   2.666  1.00 0.12 ? 3  DG  A N9     1 
ATOM   76  C  C8     . DG  A 1 3 ? -5.783  4.411   3.073  1.00 0.11 ? 3  DG  A C8     1 
ATOM   77  N  N7     . DG  A 1 3 ? -6.099  4.473   4.322  1.00 0.11 ? 3  DG  A N7     1 
ATOM   78  C  C5     . DG  A 1 3 ? -5.469  3.333   4.829  1.00 0.11 ? 3  DG  A C5     1 
ATOM   79  C  C6     . DG  A 1 3 ? -5.435  2.823   6.152  1.00 0.13 ? 3  DG  A C6     1 
ATOM   80  O  O6     . DG  A 1 3 ? -5.954  3.284   7.165  1.00 0.14 ? 3  DG  A O6     1 
ATOM   81  N  N1     . DG  A 1 3 ? -4.696  1.650   6.225  1.00 0.15 ? 3  DG  A N1     1 
ATOM   82  C  C2     . DG  A 1 3 ? -4.066  1.038   5.164  1.00 0.17 ? 3  DG  A C2     1 
ATOM   83  N  N2     . DG  A 1 3 ? -3.423  -0.095  5.433  1.00 0.21 ? 3  DG  A N2     1 
ATOM   84  N  N3     . DG  A 1 3 ? -4.088  1.511   3.916  1.00 0.16 ? 3  DG  A N3     1 
ATOM   85  C  C4     . DG  A 1 3 ? -4.804  2.654   3.817  1.00 0.13 ? 3  DG  A C4     1 
ATOM   86  H  "H5'"  . DG  A 1 3 ? -2.853  6.379   0.028  1.00 0.19 ? 3  DG  A "H5'"  1 
ATOM   87  H  "H5''" . DG  A 1 3 ? -3.801  6.269   -1.469 1.00 0.23 ? 3  DG  A "H5''" 1 
ATOM   88  H  "H4'"  . DG  A 1 3 ? -2.748  4.115   -1.017 1.00 0.26 ? 3  DG  A "H4'"  1 
ATOM   89  H  "H3'"  . DG  A 1 3 ? -5.475  4.490   -1.474 1.00 0.28 ? 3  DG  A "H3'"  1 
ATOM   90  H  "H2'"  . DG  A 1 3 ? -6.299  4.024   0.608  1.00 0.18 ? 3  DG  A "H2'"  1 
ATOM   91  H  "H2''" . DG  A 1 3 ? -6.085  2.341   0.059  1.00 0.18 ? 3  DG  A "H2''" 1 
ATOM   92  H  "H1'"  . DG  A 1 3 ? -4.171  2.033   1.289  1.00 0.17 ? 3  DG  A "H1'"  1 
ATOM   93  H  H8     . DG  A 1 3 ? -6.135  5.153   2.362  1.00 0.11 ? 3  DG  A H8     1 
ATOM   94  H  H1     . DG  A 1 3 ? -4.626  1.235   7.136  1.00 0.16 ? 3  DG  A H1     1 
ATOM   95  H  H21    . DG  A 1 3 ? -3.410  -0.457  6.377  1.00 0.21 ? 3  DG  A H21    1 
ATOM   96  H  H22    . DG  A 1 3 ? -2.954  -0.592  4.687  1.00 0.23 ? 3  DG  A H22    1 
ATOM   97  P  P      . DC  A 1 4 ? -5.576  2.178   -2.944 1.00 0.42 ? 4  DC  A P      1 
ATOM   98  O  OP1    . DC  A 1 4 ? -4.952  2.466   -4.257 1.00 0.55 ? 4  DC  A OP1    1 
ATOM   99  O  OP2    . DC  A 1 4 ? -6.925  2.702   -2.635 1.00 0.42 ? 4  DC  A OP2    1 
ATOM   100 O  "O5'"  . DC  A 1 4 ? -5.585  0.577   -2.716 1.00 0.38 ? 4  DC  A "O5'"  1 
ATOM   101 C  "C5'"  . DC  A 1 4 ? -4.358  -0.170  -2.696 1.00 0.39 ? 4  DC  A "C5'"  1 
ATOM   102 C  "C4'"  . DC  A 1 4 ? -4.320  -1.214  -1.572 1.00 0.31 ? 4  DC  A "C4'"  1 
ATOM   103 O  "O4'"  . DC  A 1 4 ? -4.432  -0.595  -0.270 1.00 0.27 ? 4  DC  A "O4'"  1 
ATOM   104 C  "C3'"  . DC  A 1 4 ? -5.454  -2.229  -1.700 1.00 0.22 ? 4  DC  A "C3'"  1 
ATOM   105 O  "O3'"  . DC  A 1 4 ? -4.941  -3.515  -2.082 1.00 0.20 ? 4  DC  A "O3'"  1 
ATOM   106 C  "C2'"  . DC  A 1 4 ? -6.102  -2.288  -0.333 1.00 0.16 ? 4  DC  A "C2'"  1 
ATOM   107 C  "C1'"  . DC  A 1 4 ? -5.257  -1.417  0.581  1.00 0.20 ? 4  DC  A "C1'"  1 
ATOM   108 N  N1     . DC  A 1 4 ? -6.102  -0.582  1.468  1.00 0.18 ? 4  DC  A N1     1 
ATOM   109 C  C2     . DC  A 1 4 ? -6.107  -0.861  2.831  1.00 0.16 ? 4  DC  A C2     1 
ATOM   110 O  O2     . DC  A 1 4 ? -5.466  -1.809  3.286  1.00 0.16 ? 4  DC  A O2     1 
ATOM   111 N  N3     . DC  A 1 4 ? -6.849  -0.065  3.644  1.00 0.15 ? 4  DC  A N3     1 
ATOM   112 C  C4     . DC  A 1 4 ? -7.554  0.956   3.156  1.00 0.15 ? 4  DC  A C4     1 
ATOM   113 N  N4     . DC  A 1 4 ? -8.244  1.733   3.986  1.00 0.15 ? 4  DC  A N4     1 
ATOM   114 C  C5     . DC  A 1 4 ? -7.561  1.242   1.767  1.00 0.18 ? 4  DC  A C5     1 
ATOM   115 C  C6     . DC  A 1 4 ? -6.827  0.456   0.961  1.00 0.19 ? 4  DC  A C6     1 
ATOM   116 H  "H5'"  . DC  A 1 4 ? -3.525  0.521   -2.560 1.00 0.43 ? 4  DC  A "H5'"  1 
ATOM   117 H  "H5''" . DC  A 1 4 ? -4.241  -0.678  -3.653 1.00 0.46 ? 4  DC  A "H5''" 1 
ATOM   118 H  "H4'"  . DC  A 1 4 ? -3.370  -1.746  -1.623 1.00 0.35 ? 4  DC  A "H4'"  1 
ATOM   119 H  "H3'"  . DC  A 1 4 ? -6.181  -1.877  -2.436 1.00 0.25 ? 4  DC  A "H3'"  1 
ATOM   120 H  "H2'"  . DC  A 1 4 ? -7.116  -1.894  -0.386 1.00 0.16 ? 4  DC  A "H2'"  1 
ATOM   121 H  "H2''" . DC  A 1 4 ? -6.120  -3.312  0.034  1.00 0.13 ? 4  DC  A "H2''" 1 
ATOM   122 H  "H1'"  . DC  A 1 4 ? -4.614  -2.057  1.186  1.00 0.20 ? 4  DC  A "H1'"  1 
ATOM   123 H  H41    . DC  A 1 4 ? -8.244  1.538   4.975  1.00 0.13 ? 4  DC  A H41    1 
ATOM   124 H  H42    . DC  A 1 4 ? -8.768  2.520   3.625  1.00 0.16 ? 4  DC  A H42    1 
ATOM   125 H  H5     . DC  A 1 4 ? -8.157  2.058   1.369  1.00 0.19 ? 4  DC  A H5     1 
ATOM   126 H  H6     . DC  A 1 4 ? -6.806  0.658   -0.107 1.00 0.20 ? 4  DC  A H6     1 
ATOM   127 P  P      . DT  A 1 5 ? -5.887  -4.616  -2.783 1.00 0.12 ? 5  DT  A P      1 
ATOM   128 O  OP1    . DT  A 1 5 ? -5.015  -5.630  -3.418 1.00 0.09 ? 5  DT  A OP1    1 
ATOM   129 O  OP2    . DT  A 1 5 ? -6.914  -3.914  -3.585 1.00 0.18 ? 5  DT  A OP2    1 
ATOM   130 O  "O5'"  . DT  A 1 5 ? -6.618  -5.304  -1.522 1.00 0.11 ? 5  DT  A "O5'"  1 
ATOM   131 C  "C5'"  . DT  A 1 5 ? -5.936  -6.273  -0.712 1.00 0.17 ? 5  DT  A "C5'"  1 
ATOM   132 C  "C4'"  . DT  A 1 5 ? -6.923  -7.142  0.064  1.00 0.17 ? 5  DT  A "C4'"  1 
ATOM   133 O  "O4'"  . DT  A 1 5 ? -7.733  -6.333  0.947  1.00 0.17 ? 5  DT  A "O4'"  1 
ATOM   134 C  "C3'"  . DT  A 1 5 ? -7.858  -7.877  -0.883 1.00 0.13 ? 5  DT  A "C3'"  1 
ATOM   135 O  "O3'"  . DT  A 1 5 ? -7.973  -9.253  -0.528 1.00 0.21 ? 5  DT  A "O3'"  1 
ATOM   136 C  "C2'"  . DT  A 1 5 ? -9.188  -7.213  -0.718 1.00 0.13 ? 5  DT  A "C2'"  1 
ATOM   137 C  "C1'"  . DT  A 1 5 ? -9.128  -6.497  0.617  1.00 0.14 ? 5  DT  A "C1'"  1 
ATOM   138 N  N1     . DT  A 1 5 ? -9.818  -5.193  0.568  1.00 0.16 ? 5  DT  A N1     1 
ATOM   139 C  C2     . DT  A 1 5 ? -10.608 -4.851  1.650  1.00 0.20 ? 5  DT  A C2     1 
ATOM   140 O  O2     . DT  A 1 5 ? -10.774 -5.598  2.612  1.00 0.21 ? 5  DT  A O2     1 
ATOM   141 N  N3     . DT  A 1 5 ? -11.210 -3.616  1.590  1.00 0.23 ? 5  DT  A N3     1 
ATOM   142 C  C4     . DT  A 1 5 ? -11.101 -2.701  0.566  1.00 0.24 ? 5  DT  A C4     1 
ATOM   143 O  O4     . DT  A 1 5 ? -11.692 -1.625  0.631  1.00 0.28 ? 5  DT  A O4     1 
ATOM   144 C  C5     . DT  A 1 5 ? -10.258 -3.135  -0.524 1.00 0.20 ? 5  DT  A C5     1 
ATOM   145 C  C7     . DT  A 1 5 ? -10.010 -2.201  -1.705 1.00 0.22 ? 5  DT  A C7     1 
ATOM   146 C  C6     . DT  A 1 5 ? -9.658  -4.343  -0.494 1.00 0.17 ? 5  DT  A C6     1 
ATOM   147 H  "H5'"  . DT  A 1 5 ? -5.287  -5.755  -0.008 1.00 0.23 ? 5  DT  A "H5'"  1 
ATOM   148 H  "H5''" . DT  A 1 5 ? -5.330  -6.912  -1.354 1.00 0.20 ? 5  DT  A "H5''" 1 
ATOM   149 H  "H4'"  . DT  A 1 5 ? -6.374  -7.869  0.655  1.00 0.23 ? 5  DT  A "H4'"  1 
ATOM   150 H  "H3'"  . DT  A 1 5 ? -7.510  -7.774  -1.913 1.00 0.15 ? 5  DT  A "H3'"  1 
ATOM   151 H  "H2'"  . DT  A 1 5 ? -9.355  -6.504  -1.526 1.00 0.18 ? 5  DT  A "H2'"  1 
ATOM   152 H  "H2''" . DT  A 1 5 ? -9.974  -7.961  -0.705 1.00 0.16 ? 5  DT  A "H2''" 1 
ATOM   153 H  "H1'"  . DT  A 1 5 ? -9.600  -7.124  1.374  1.00 0.15 ? 5  DT  A "H1'"  1 
ATOM   154 H  H3     . DT  A 1 5 ? -11.789 -3.361  2.363  1.00 0.26 ? 5  DT  A H3     1 
ATOM   155 H  H71    . DT  A 1 5 ? -10.332 -2.684  -2.626 1.00 0.22 ? 5  DT  A H71    1 
ATOM   156 H  H72    . DT  A 1 5 ? -10.571 -1.277  -1.564 1.00 0.26 ? 5  DT  A H72    1 
ATOM   157 H  H73    . DT  A 1 5 ? -8.946  -1.972  -1.768 1.00 0.21 ? 5  DT  A H73    1 
ATOM   158 H  H6     . DT  A 1 5 ? -9.044  -4.655  -1.338 1.00 0.15 ? 5  DT  A H6     1 
ATOM   159 P  P      . DC  A 1 6 ? -8.150  -10.384 -1.652 1.00 0.29 ? 6  DC  A P      1 
ATOM   160 O  OP1    . DC  A 1 6 ? -6.930  -11.222 -1.653 1.00 0.44 ? 6  DC  A OP1    1 
ATOM   161 O  OP2    . DC  A 1 6 ? -8.605  -9.737  -2.904 1.00 0.31 ? 6  DC  A OP2    1 
ATOM   162 O  "O5'"  . DC  A 1 6 ? -9.370  -11.255 -1.060 1.00 0.27 ? 6  DC  A "O5'"  1 
ATOM   163 C  "C5'"  . DC  A 1 6 ? -9.317  -11.800 0.263  1.00 0.27 ? 6  DC  A "C5'"  1 
ATOM   164 C  "C4'"  . DC  A 1 6 ? -10.639 -11.604 1.006  1.00 0.22 ? 6  DC  A "C4'"  1 
ATOM   165 O  "O4'"  . DC  A 1 6 ? -10.897 -10.201 1.246  1.00 0.18 ? 6  DC  A "O4'"  1 
ATOM   166 C  "C3'"  . DC  A 1 6 ? -11.816 -12.162 0.206  1.00 0.21 ? 6  DC  A "C3'"  1 
ATOM   167 O  "O3'"  . DC  A 1 6 ? -12.379 -13.307 0.857  1.00 0.22 ? 6  DC  A "O3'"  1 
ATOM   168 C  "C2'"  . DC  A 1 6 ? -12.821 -11.034 0.128  1.00 0.18 ? 6  DC  A "C2'"  1 
ATOM   169 C  "C1'"  . DC  A 1 6 ? -12.298 -9.936  1.042  1.00 0.16 ? 6  DC  A "C1'"  1 
ATOM   170 N  N1     . DC  A 1 6 ? -12.517 -8.580  0.470  1.00 0.13 ? 6  DC  A N1     1 
ATOM   171 C  C2     . DC  A 1 6 ? -13.104 -7.623  1.294  1.00 0.12 ? 6  DC  A C2     1 
ATOM   172 O  O2     . DC  A 1 6 ? -13.423 -7.901  2.449  1.00 0.13 ? 6  DC  A O2     1 
ATOM   173 N  N3     . DC  A 1 6 ? -13.311 -6.379  0.790  1.00 0.10 ? 6  DC  A N3     1 
ATOM   174 C  C4     . DC  A 1 6 ? -12.966 -6.071  -0.461 1.00 0.11 ? 6  DC  A C4     1 
ATOM   175 N  N4     . DC  A 1 6 ? -13.190 -4.838  -0.908 1.00 0.11 ? 6  DC  A N4     1 
ATOM   176 C  C5     . DC  A 1 6 ? -12.364 -7.042  -1.316 1.00 0.12 ? 6  DC  A C5     1 
ATOM   177 C  C6     . DC  A 1 6 ? -12.156 -8.276  -0.816 1.00 0.13 ? 6  DC  A C6     1 
ATOM   178 H  "H5'"  . DC  A 1 6 ? -8.519  -11.312 0.823  1.00 0.29 ? 6  DC  A "H5'"  1 
ATOM   179 H  "H5''" . DC  A 1 6 ? -9.102  -12.866 0.196  1.00 0.32 ? 6  DC  A "H5''" 1 
ATOM   180 H  "H4'"  . DC  A 1 6 ? -10.586 -12.121 1.964  1.00 0.25 ? 6  DC  A "H4'"  1 
ATOM   181 H  "H3'"  . DC  A 1 6 ? -11.486 -12.427 -0.801 1.00 0.24 ? 6  DC  A "H3'"  1 
ATOM   182 H  "HO3'" . DC  A 1 6 ? -11.684 -13.965 0.930  1.00 0.86 ? 6  DC  A "HO3'" 1 
ATOM   183 H  "H2'"  . DC  A 1 6 ? -12.889 -10.670 -0.896 1.00 0.19 ? 6  DC  A "H2'"  1 
ATOM   184 H  "H2''" . DC  A 1 6 ? -13.798 -11.374 0.471  1.00 0.19 ? 6  DC  A "H2''" 1 
ATOM   185 H  "H1'"  . DC  A 1 6 ? -12.811 -10.007 2.001  1.00 0.16 ? 6  DC  A "H1'"  1 
ATOM   186 H  H41    . DC  A 1 6 ? -13.618 -4.153  -0.300 1.00 0.10 ? 6  DC  A H41    1 
ATOM   187 H  H42    . DC  A 1 6 ? -12.937 -4.588  -1.852 1.00 0.12 ? 6  DC  A H42    1 
ATOM   188 H  H5     . DC  A 1 6 ? -12.081 -6.795  -2.339 1.00 0.13 ? 6  DC  A H5     1 
ATOM   189 H  H6     . DC  A 1 6 ? -11.674 -9.027  -1.436 1.00 0.14 ? 6  DC  A H6     1 
ATOM   190 O  "O5'"  . DG  B 1 1 ? -20.288 -0.374  5.451  1.00 0.19 ? 7  DG  B "O5'"  1 
ATOM   191 C  "C5'"  . DG  B 1 1 ? -20.619 -1.097  6.639  1.00 0.22 ? 7  DG  B "C5'"  1 
ATOM   192 C  "C4'"  . DG  B 1 1 ? -19.369 -1.594  7.363  1.00 0.20 ? 7  DG  B "C4'"  1 
ATOM   193 O  "O4'"  . DG  B 1 1 ? -18.597 -2.468  6.509  1.00 0.19 ? 7  DG  B "O4'"  1 
ATOM   194 C  "C3'"  . DG  B 1 1 ? -18.478 -0.427  7.775  1.00 0.18 ? 7  DG  B "C3'"  1 
ATOM   195 O  "O3'"  . DG  B 1 1 ? -18.439 -0.292  9.202  1.00 0.20 ? 7  DG  B "O3'"  1 
ATOM   196 C  "C2'"  . DG  B 1 1 ? -17.109 -0.741  7.219  1.00 0.15 ? 7  DG  B "C2'"  1 
ATOM   197 C  "C1'"  . DG  B 1 1 ? -17.202 -2.108  6.558  1.00 0.16 ? 7  DG  B "C1'"  1 
ATOM   198 N  N9     . DG  B 1 1 ? -16.614 -2.100  5.200  1.00 0.13 ? 7  DG  B N9     1 
ATOM   199 C  C8     . DG  B 1 1 ? -16.602 -1.120  4.258  1.00 0.12 ? 7  DG  B C8     1 
ATOM   200 N  N7     . DG  B 1 1 ? -16.028 -1.380  3.132  1.00 0.11 ? 7  DG  B N7     1 
ATOM   201 C  C5     . DG  B 1 1 ? -15.594 -2.694  3.328  1.00 0.10 ? 7  DG  B C5     1 
ATOM   202 C  C6     . DG  B 1 1 ? -14.888 -3.560  2.452  1.00 0.09 ? 7  DG  B C6     1 
ATOM   203 O  O6     . DG  B 1 1 ? -14.486 -3.335  1.313  1.00 0.09 ? 7  DG  B O6     1 
ATOM   204 N  N1     . DG  B 1 1 ? -14.653 -4.793  3.037  1.00 0.10 ? 7  DG  B N1     1 
ATOM   205 C  C2     . DG  B 1 1 ? -15.040 -5.160  4.304  1.00 0.12 ? 7  DG  B C2     1 
ATOM   206 N  N2     . DG  B 1 1 ? -14.719 -6.396  4.677  1.00 0.14 ? 7  DG  B N2     1 
ATOM   207 N  N3     . DG  B 1 1 ? -15.702 -4.356  5.140  1.00 0.13 ? 7  DG  B N3     1 
ATOM   208 C  C4     . DG  B 1 1 ? -15.948 -3.143  4.592  1.00 0.12 ? 7  DG  B C4     1 
ATOM   209 H  "H5'"  . DG  B 1 1 ? -21.239 -1.953  6.373  1.00 0.25 ? 7  DG  B "H5'"  1 
ATOM   210 H  "H5''" . DG  B 1 1 ? -21.180 -0.444  7.308  1.00 0.24 ? 7  DG  B "H5''" 1 
ATOM   211 H  "H4'"  . DG  B 1 1 ? -19.669 -2.144  8.253  1.00 0.22 ? 7  DG  B "H4'"  1 
ATOM   212 H  "H3'"  . DG  B 1 1 ? -18.853 0.495   7.323  1.00 0.18 ? 7  DG  B "H3'"  1 
ATOM   213 H  "H2'"  . DG  B 1 1 ? -16.826 0.013   6.485  1.00 0.13 ? 7  DG  B "H2'"  1 
ATOM   214 H  "H2''" . DG  B 1 1 ? -16.377 -0.770  8.026  1.00 0.15 ? 7  DG  B "H2''" 1 
ATOM   215 H  "H1'"  . DG  B 1 1 ? -16.669 -2.833  7.172  1.00 0.16 ? 7  DG  B "H1'"  1 
ATOM   216 H  H8     . DG  B 1 1 ? -17.062 -0.152  4.441  1.00 0.13 ? 7  DG  B H8     1 
ATOM   217 H  H1     . DG  B 1 1 ? -14.163 -5.460  2.471  1.00 0.10 ? 7  DG  B H1     1 
ATOM   218 H  H21    . DG  B 1 1 ? -14.222 -7.002  4.040  1.00 0.13 ? 7  DG  B H21    1 
ATOM   219 H  H22    . DG  B 1 1 ? -14.976 -6.727  5.594  1.00 0.16 ? 7  DG  B H22    1 
ATOM   220 H  "HO5'" . DG  B 1 1 ? -19.627 -0.889  4.981  1.00 0.19 ? 7  DG  B "HO5'" 1 
ATOM   221 P  P      . DA  B 1 2 ? -17.609 0.902   9.906  1.00 0.20 ? 8  DA  B P      1 
ATOM   222 O  OP1    . DA  B 1 2 ? -18.300 1.268   11.162 1.00 0.24 ? 8  DA  B OP1    1 
ATOM   223 O  OP2    . DA  B 1 2 ? -17.328 1.942   8.889  1.00 0.20 ? 8  DA  B OP2    1 
ATOM   224 O  "O5'"  . DA  B 1 2 ? -16.215 0.186   10.286 1.00 0.19 ? 8  DA  B "O5'"  1 
ATOM   225 C  "C5'"  . DA  B 1 2 ? -16.187 -0.932  11.181 1.00 0.19 ? 8  DA  B "C5'"  1 
ATOM   226 C  "C4'"  . DA  B 1 2 ? -14.946 -1.797  10.965 1.00 0.18 ? 8  DA  B "C4'"  1 
ATOM   227 O  "O4'"  . DA  B 1 2 ? -14.867 -2.234  9.589  1.00 0.17 ? 8  DA  B "O4'"  1 
ATOM   228 C  "C3'"  . DA  B 1 2 ? -13.672 -1.016  11.287 1.00 0.18 ? 8  DA  B "C3'"  1 
ATOM   229 O  "O3'"  . DA  B 1 2 ? -12.892 -1.689  12.283 1.00 0.18 ? 8  DA  B "O3'"  1 
ATOM   230 C  "C2'"  . DA  B 1 2 ? -12.906 -0.941  9.995  1.00 0.17 ? 8  DA  B "C2'"  1 
ATOM   231 C  "C1'"  . DA  B 1 2 ? -13.565 -1.932  9.052  1.00 0.16 ? 8  DA  B "C1'"  1 
ATOM   232 N  N9     . DA  B 1 2 ? -13.660 -1.374  7.691  1.00 0.15 ? 8  DA  B N9     1 
ATOM   233 C  C8     . DA  B 1 2 ? -14.131 -0.174  7.275  1.00 0.16 ? 8  DA  B C8     1 
ATOM   234 N  N7     . DA  B 1 2 ? -14.012 0.112   6.022  1.00 0.16 ? 8  DA  B N7     1 
ATOM   235 C  C5     . DA  B 1 2 ? -13.389 -1.040  5.532  1.00 0.14 ? 8  DA  B C5     1 
ATOM   236 C  C6     . DA  B 1 2 ? -12.958 -1.416  4.257  1.00 0.14 ? 8  DA  B C6     1 
ATOM   237 N  N6     . DA  B 1 2 ? -13.080 -0.639  3.181  1.00 0.14 ? 8  DA  B N6     1 
ATOM   238 N  N1     . DA  B 1 2 ? -12.383 -2.622  4.133  1.00 0.12 ? 8  DA  B N1     1 
ATOM   239 C  C2     . DA  B 1 2 ? -12.237 -3.417  5.193  1.00 0.12 ? 8  DA  B C2     1 
ATOM   240 N  N3     . DA  B 1 2 ? -12.605 -3.163  6.440  1.00 0.13 ? 8  DA  B N3     1 
ATOM   241 C  C4     . DA  B 1 2 ? -13.177 -1.949  6.542  1.00 0.14 ? 8  DA  B C4     1 
ATOM   242 H  "H5'"  . DA  B 1 2 ? -17.075 -1.542  11.016 1.00 0.19 ? 8  DA  B "H5'"  1 
ATOM   243 H  "H5''" . DA  B 1 2 ? -16.192 -0.567  12.209 1.00 0.19 ? 8  DA  B "H5''" 1 
ATOM   244 H  "H4'"  . DA  B 1 2 ? -15.002 -2.671  11.612 1.00 0.18 ? 8  DA  B "H4'"  1 
ATOM   245 H  "H3'"  . DA  B 1 2 ? -13.929 -0.010  11.624 1.00 0.20 ? 8  DA  B "H3'"  1 
ATOM   246 H  "H2'"  . DA  B 1 2 ? -12.975 0.067   9.586  1.00 0.18 ? 8  DA  B "H2'"  1 
ATOM   247 H  "H2''" . DA  B 1 2 ? -11.859 -1.209  10.158 1.00 0.16 ? 8  DA  B "H2''" 1 
ATOM   248 H  "H1'"  . DA  B 1 2 ? -12.971 -2.844  9.024  1.00 0.15 ? 8  DA  B "H1'"  1 
ATOM   249 H  H8     . DA  B 1 2 ? -14.602 0.519   7.969  1.00 0.18 ? 8  DA  B H8     1 
ATOM   250 H  H61    . DA  B 1 2 ? -12.751 -0.963  2.282  1.00 0.14 ? 8  DA  B H61    1 
ATOM   251 H  H62    . DA  B 1 2 ? -13.503 0.274   3.264  1.00 0.15 ? 8  DA  B H62    1 
ATOM   252 H  H2     . DA  B 1 2 ? -11.763 -4.383  5.014  1.00 0.11 ? 8  DA  B H2     1 
ATOM   253 P  P      . DG  B 1 3 ? -12.057 -0.860  13.384 1.00 0.20 ? 9  DG  B P      1 
ATOM   254 O  OP1    . DG  B 1 3 ? -12.719 -1.036  14.697 1.00 0.21 ? 9  DG  B OP1    1 
ATOM   255 O  OP2    . DG  B 1 3 ? -11.810 0.503   12.858 1.00 0.22 ? 9  DG  B OP2    1 
ATOM   256 O  "O5'"  . DG  B 1 3 ? -10.651 -1.648  13.419 1.00 0.19 ? 9  DG  B "O5'"  1 
ATOM   257 C  "C5'"  . DG  B 1 3 ? -10.607 -3.078  13.507 1.00 0.18 ? 9  DG  B "C5'"  1 
ATOM   258 C  "C4'"  . DG  B 1 3 ? -9.343  -3.648  12.862 1.00 0.17 ? 9  DG  B "C4'"  1 
ATOM   259 O  "O4'"  . DG  B 1 3 ? -9.288  -3.323  11.453 1.00 0.14 ? 9  DG  B "O4'"  1 
ATOM   260 C  "C3'"  . DG  B 1 3 ? -8.093  -3.088  13.529 1.00 0.19 ? 9  DG  B "C3'"  1 
ATOM   261 O  "O3'"  . DG  B 1 3 ? -7.336  -4.140  14.146 1.00 0.21 ? 9  DG  B "O3'"  1 
ATOM   262 C  "C2'"  . DG  B 1 3 ? -7.310  -2.412  12.426 1.00 0.17 ? 9  DG  B "C2'"  1 
ATOM   263 C  "C1'"  . DG  B 1 3 ? -8.005  -2.752  11.122 1.00 0.15 ? 9  DG  B "C1'"  1 
ATOM   264 N  N9     . DG  B 1 3 ? -8.168  -1.551  10.284 1.00 0.14 ? 9  DG  B N9     1 
ATOM   265 C  C8     . DG  B 1 3 ? -8.825  -0.399  10.557 1.00 0.15 ? 9  DG  B C8     1 
ATOM   266 N  N7     . DG  B 1 3 ? -8.864  0.502   9.636  1.00 0.15 ? 9  DG  B N7     1 
ATOM   267 C  C5     . DG  B 1 3 ? -8.141  -0.112  8.608  1.00 0.14 ? 9  DG  B C5     1 
ATOM   268 C  C6     . DG  B 1 3 ? -7.826  0.365   7.311  1.00 0.14 ? 9  DG  B C6     1 
ATOM   269 O  O6     . DG  B 1 3 ? -8.118  1.442   6.803  1.00 0.15 ? 9  DG  B O6     1 
ATOM   270 N  N1     . DG  B 1 3 ? -7.094  -0.566  6.592  1.00 0.14 ? 9  DG  B N1     1 
ATOM   271 C  C2     . DG  B 1 3 ? -6.702  -1.797  7.053  1.00 0.13 ? 9  DG  B C2     1 
ATOM   272 N  N2     . DG  B 1 3 ? -6.005  -2.539  6.197  1.00 0.13 ? 9  DG  B N2     1 
ATOM   273 N  N3     . DG  B 1 3 ? -6.985  -2.259  8.273  1.00 0.13 ? 9  DG  B N3     1 
ATOM   274 C  C4     . DG  B 1 3 ? -7.709  -1.370  8.997  1.00 0.14 ? 9  DG  B C4     1 
ATOM   275 H  "H5'"  . DG  B 1 3 ? -11.480 -3.495  13.002 1.00 0.17 ? 9  DG  B "H5'"  1 
ATOM   276 H  "H5''" . DG  B 1 3 ? -10.632 -3.369  14.557 1.00 0.20 ? 9  DG  B "H5''" 1 
ATOM   277 H  "H4'"  . DG  B 1 3 ? -9.348  -4.733  12.973 1.00 0.17 ? 9  DG  B "H4'"  1 
ATOM   278 H  "H3'"  . DG  B 1 3 ? -8.379  -2.345  14.277 1.00 0.23 ? 9  DG  B "H3'"  1 
ATOM   279 H  "H2'"  . DG  B 1 3 ? -7.315  -1.334  12.579 1.00 0.20 ? 9  DG  B "H2'"  1 
ATOM   280 H  "H2''" . DG  B 1 3 ? -6.289  -2.779  12.406 1.00 0.16 ? 9  DG  B "H2''" 1 
ATOM   281 H  "H1'"  . DG  B 1 3 ? -7.412  -3.491  10.581 1.00 0.14 ? 9  DG  B "H1'"  1 
ATOM   282 H  H8     . DG  B 1 3 ? -9.304  -0.243  11.523 1.00 0.16 ? 9  DG  B H8     1 
ATOM   283 H  H1     . DG  B 1 3 ? -6.852  -0.306  5.655  1.00 0.14 ? 9  DG  B H1     1 
ATOM   284 H  H21    . DG  B 1 3 ? -5.802  -2.185  5.272  1.00 0.13 ? 9  DG  B H21    1 
ATOM   285 H  H22    . DG  B 1 3 ? -5.687  -3.455  6.468  1.00 0.13 ? 9  DG  B H22    1 
ATOM   286 P  P      . DC  B 1 4 ? -5.931  -3.843  14.878 1.00 0.24 ? 10 DC  B P      1 
ATOM   287 O  OP1    . DC  B 1 4 ? -5.633  -4.972  15.788 1.00 0.29 ? 10 DC  B OP1    1 
ATOM   288 O  OP2    . DC  B 1 4 ? -5.961  -2.460  15.405 1.00 0.30 ? 10 DC  B OP2    1 
ATOM   289 O  "O5'"  . DC  B 1 4 ? -4.886  -3.891  13.651 1.00 0.17 ? 10 DC  B "O5'"  1 
ATOM   290 C  "C5'"  . DC  B 1 4 ? -4.731  -5.084  12.869 1.00 0.13 ? 10 DC  B "C5'"  1 
ATOM   291 C  "C4'"  . DC  B 1 4 ? -3.798  -4.866  11.678 1.00 0.08 ? 10 DC  B "C4'"  1 
ATOM   292 O  "O4'"  . DC  B 1 4 ? -4.388  -3.966  10.706 1.00 0.09 ? 10 DC  B "O4'"  1 
ATOM   293 C  "C3'"  . DC  B 1 4 ? -2.478  -4.260  12.132 1.00 0.09 ? 10 DC  B "C3'"  1 
ATOM   294 O  "O3'"  . DC  B 1 4 ? -1.374  -5.093  11.783 1.00 0.08 ? 10 DC  B "O3'"  1 
ATOM   295 C  "C2'"  . DC  B 1 4 ? -2.364  -2.947  11.412 1.00 0.10 ? 10 DC  B "C2'"  1 
ATOM   296 C  "C1'"  . DC  B 1 4 ? -3.433  -2.946  10.345 1.00 0.10 ? 10 DC  B "C1'"  1 
ATOM   297 N  N1     . DC  B 1 4 ? -4.075  -1.618  10.237 1.00 0.10 ? 10 DC  B N1     1 
ATOM   298 C  C2     . DC  B 1 4 ? -4.163  -1.033  8.981  1.00 0.11 ? 10 DC  B C2     1 
ATOM   299 O  O2     . DC  B 1 4 ? -3.701  -1.596  7.993  1.00 0.10 ? 10 DC  B O2     1 
ATOM   300 N  N3     . DC  B 1 4 ? -4.762  0.180   8.878  1.00 0.11 ? 10 DC  B N3     1 
ATOM   301 C  C4     . DC  B 1 4 ? -5.259  0.800   9.948  1.00 0.12 ? 10 DC  B C4     1 
ATOM   302 N  N4     . DC  B 1 4 ? -5.845  1.987   9.801  1.00 0.13 ? 10 DC  B N4     1 
ATOM   303 C  C5     . DC  B 1 4 ? -5.173  0.208   11.242 1.00 0.12 ? 10 DC  B C5     1 
ATOM   304 C  C6     . DC  B 1 4 ? -4.575  -0.995  11.342 1.00 0.11 ? 10 DC  B C6     1 
ATOM   305 H  "H5'"  . DC  B 1 4 ? -5.708  -5.401  12.503 1.00 0.13 ? 10 DC  B "H5'"  1 
ATOM   306 H  "H5''" . DC  B 1 4 ? -4.317  -5.870  13.502 1.00 0.15 ? 10 DC  B "H5''" 1 
ATOM   307 H  "H4'"  . DC  B 1 4 ? -3.605  -5.826  11.199 1.00 0.08 ? 10 DC  B "H4'"  1 
ATOM   308 H  "H3'"  . DC  B 1 4 ? -2.498  -4.090  13.210 1.00 0.11 ? 10 DC  B "H3'"  1 
ATOM   309 H  "H2'"  . DC  B 1 4 ? -2.529  -2.128  12.110 1.00 0.13 ? 10 DC  B "H2'"  1 
ATOM   310 H  "H2''" . DC  B 1 4 ? -1.385  -2.859  10.955 1.00 0.11 ? 10 DC  B "H2''" 1 
ATOM   311 H  "H1'"  . DC  B 1 4 ? -2.974  -3.205  9.390  1.00 0.09 ? 10 DC  B "H1'"  1 
ATOM   312 H  H41    . DC  B 1 4 ? -5.908  2.409   8.884  1.00 0.13 ? 10 DC  B H41    1 
ATOM   313 H  H42    . DC  B 1 4 ? -6.226  2.465   10.606 1.00 0.14 ? 10 DC  B H42    1 
ATOM   314 H  H5     . DC  B 1 4 ? -5.575  0.712   12.115 1.00 0.13 ? 10 DC  B H5     1 
ATOM   315 H  H6     . DC  B 1 4 ? -4.473  -1.468  12.318 1.00 0.12 ? 10 DC  B H6     1 
ATOM   316 P  P      . DT  B 1 5 ? -0.055  -5.143  12.705 1.00 0.09 ? 11 DT  B P      1 
ATOM   317 O  OP1    . DT  B 1 5 ? 0.040   -6.486  13.320 1.00 0.12 ? 11 DT  B OP1    1 
ATOM   318 O  OP2    . DT  B 1 5 ? -0.028  -3.930  13.557 1.00 0.11 ? 11 DT  B OP2    1 
ATOM   319 O  "O5'"  . DT  B 1 5 ? 1.103   -5.006  11.593 1.00 0.09 ? 11 DT  B "O5'"  1 
ATOM   320 C  "C5'"  . DT  B 1 5 ? 1.021   -5.727  10.356 1.00 0.08 ? 11 DT  B "C5'"  1 
ATOM   321 C  "C4'"  . DT  B 1 5 ? 1.392   -4.848  9.163  1.00 0.09 ? 11 DT  B "C4'"  1 
ATOM   322 O  "O4'"  . DT  B 1 5 ? 0.435   -3.777  8.981  1.00 0.08 ? 11 DT  B "O4'"  1 
ATOM   323 C  "C3'"  . DT  B 1 5 ? 2.765   -4.216  9.354  1.00 0.10 ? 11 DT  B "C3'"  1 
ATOM   324 O  "O3'"  . DT  B 1 5 ? 3.710   -4.741  8.414  1.00 0.16 ? 11 DT  B "O3'"  1 
ATOM   325 C  "C2'"  . DT  B 1 5 ? 2.562   -2.735  9.145  1.00 0.11 ? 11 DT  B "C2'"  1 
ATOM   326 C  "C1'"  . DT  B 1 5 ? 1.136   -2.557  8.668  1.00 0.10 ? 11 DT  B "C1'"  1 
ATOM   327 N  N1     . DT  B 1 5 ? 0.493   -1.380  9.306  1.00 0.12 ? 11 DT  B N1     1 
ATOM   328 C  C2     . DT  B 1 5 ? 0.136   -0.318  8.490  1.00 0.14 ? 11 DT  B C2     1 
ATOM   329 O  O2     . DT  B 1 5 ? 0.370   -0.305  7.285  1.00 0.16 ? 11 DT  B O2     1 
ATOM   330 N  N3     . DT  B 1 5 ? -0.492  0.740   9.110  1.00 0.17 ? 11 DT  B N3     1 
ATOM   331 C  C4     . DT  B 1 5 ? -0.788  0.840   10.455 1.00 0.16 ? 11 DT  B C4     1 
ATOM   332 O  O4     . DT  B 1 5 ? -1.361  1.831   10.895 1.00 0.19 ? 11 DT  B O4     1 
ATOM   333 C  C5     . DT  B 1 5 ? -0.375  -0.305  11.233 1.00 0.13 ? 11 DT  B C5     1 
ATOM   334 C  C7     . DT  B 1 5 ? -0.604  -0.311  12.745 1.00 0.13 ? 11 DT  B C7     1 
ATOM   335 C  C6     . DT  B 1 5 ? 0.234   -1.357  10.651 1.00 0.11 ? 11 DT  B C6     1 
ATOM   336 H  "H5'"  . DT  B 1 5 ? 0.004   -6.098  10.221 1.00 0.08 ? 11 DT  B "H5'"  1 
ATOM   337 H  "H5''" . DT  B 1 5 ? 1.704   -6.575  10.397 1.00 0.10 ? 11 DT  B "H5''" 1 
ATOM   338 H  "H4'"  . DT  B 1 5 ? 1.407   -5.462  8.263  1.00 0.10 ? 11 DT  B "H4'"  1 
ATOM   339 H  "H3'"  . DT  B 1 5 ? 3.111   -4.394  10.374 1.00 0.10 ? 11 DT  B "H3'"  1 
ATOM   340 H  "H2'"  . DT  B 1 5 ? 2.710   -2.208  10.086 1.00 0.13 ? 11 DT  B "H2'"  1 
ATOM   341 H  "H2''" . DT  B 1 5 ? 3.253   -2.363  8.392  1.00 0.15 ? 11 DT  B "H2''" 1 
ATOM   342 H  "H1'"  . DT  B 1 5 ? 1.141   -2.422  7.585  1.00 0.11 ? 11 DT  B "H1'"  1 
ATOM   343 H  H3     . DT  B 1 5 ? -0.762  1.509   8.526  1.00 0.19 ? 11 DT  B H3     1 
ATOM   344 H  H71    . DT  B 1 5 ? 0.350   -0.187  13.257 1.00 0.86 ? 11 DT  B H71    1 
ATOM   345 H  H72    . DT  B 1 5 ? -1.270  0.507   13.017 1.00 0.96 ? 11 DT  B H72    1 
ATOM   346 H  H73    . DT  B 1 5 ? -1.052  -1.258  13.042 1.00 1.02 ? 11 DT  B H73    1 
ATOM   347 H  H6     . DT  B 1 5 ? 0.499   -2.218  11.259 1.00 0.10 ? 11 DT  B H6     1 
ATOM   348 P  P      . DC  B 1 6 ? 5.259   -4.300  8.469  1.00 0.22 ? 12 DC  B P      1 
ATOM   349 O  OP1    . DC  B 1 6 ? 6.063   -5.357  7.817  1.00 0.30 ? 12 DC  B OP1    1 
ATOM   350 O  OP2    . DC  B 1 6 ? 5.571   -3.885  9.855  1.00 0.19 ? 12 DC  B OP2    1 
ATOM   351 O  "O5'"  . DC  B 1 6 ? 5.293   -2.990  7.534  1.00 0.27 ? 12 DC  B "O5'"  1 
ATOM   352 C  "C5'"  . DC  B 1 6 ? 5.069   -3.096  6.124  1.00 0.31 ? 12 DC  B "C5'"  1 
ATOM   353 C  "C4'"  . DC  B 1 6 ? 5.031   -1.728  5.450  1.00 0.33 ? 12 DC  B "C4'"  1 
ATOM   354 O  "O4'"  . DC  B 1 6 ? 3.948   -0.930  5.981  1.00 0.33 ? 12 DC  B "O4'"  1 
ATOM   355 C  "C3'"  . DC  B 1 6 ? 6.335   -0.971  5.674  1.00 0.31 ? 12 DC  B "C3'"  1 
ATOM   356 O  "O3'"  . DC  B 1 6 ? 6.904   -0.558  4.426  1.00 0.43 ? 12 DC  B "O3'"  1 
ATOM   357 C  "C2'"  . DC  B 1 6 ? 5.968   0.224   6.516  1.00 0.29 ? 12 DC  B "C2'"  1 
ATOM   358 C  "C1'"  . DC  B 1 6 ? 4.452   0.327   6.476  1.00 0.29 ? 12 DC  B "C1'"  1 
ATOM   359 N  N1     . DC  B 1 6 ? 3.892   0.631   7.815  1.00 0.21 ? 12 DC  B N1     1 
ATOM   360 C  C2     . DC  B 1 6 ? 3.101   1.765   7.941  1.00 0.21 ? 12 DC  B C2     1 
ATOM   361 O  O2     . DC  B 1 6 ? 2.886   2.490   6.972  1.00 0.25 ? 12 DC  B O2     1 
ATOM   362 N  N3     . DC  B 1 6 ? 2.575   2.050   9.160  1.00 0.19 ? 12 DC  B N3     1 
ATOM   363 C  C4     . DC  B 1 6 ? 2.807   1.268   10.215 1.00 0.19 ? 12 DC  B C4     1 
ATOM   364 N  N4     . DC  B 1 6 ? 2.276   1.591   11.391 1.00 0.24 ? 12 DC  B N4     1 
ATOM   365 C  C5     . DC  B 1 6 ? 3.619   0.100   10.098 1.00 0.17 ? 12 DC  B C5     1 
ATOM   366 C  C6     . DC  B 1 6 ? 4.137   -0.181  8.888  1.00 0.18 ? 12 DC  B C6     1 
ATOM   367 H  "H5'"  . DC  B 1 6 ? 4.118   -3.600  5.955  1.00 0.37 ? 12 DC  B "H5'"  1 
ATOM   368 H  "H5''" . DC  B 1 6 ? 5.869   -3.689  5.680  1.00 0.32 ? 12 DC  B "H5''" 1 
ATOM   369 H  "H4'"  . DC  B 1 6 ? 4.877   -1.864  4.379  1.00 0.38 ? 12 DC  B "H4'"  1 
ATOM   370 H  "H3'"  . DC  B 1 6 ? 7.043   -1.603  6.217  1.00 0.26 ? 12 DC  B "H3'"  1 
ATOM   371 H  "HO3'" . DC  B 1 6 ? 6.237   -0.044  3.965  1.00 1.32 ? 12 DC  B "HO3'" 1 
ATOM   372 H  "H2'"  . DC  B 1 6 ? 6.306   0.071   7.541  1.00 0.24 ? 12 DC  B "H2'"  1 
ATOM   373 H  "H2''" . DC  B 1 6 ? 6.417   1.128   6.106  1.00 0.38 ? 12 DC  B "H2''" 1 
ATOM   374 H  "H1'"  . DC  B 1 6 ? 4.171   1.119   5.781  1.00 0.37 ? 12 DC  B "H1'"  1 
ATOM   375 H  H41    . DC  B 1 6 ? 1.700   2.418   11.473 1.00 0.26 ? 12 DC  B H41    1 
ATOM   376 H  H42    . DC  B 1 6 ? 2.448   1.012   12.200 1.00 0.27 ? 12 DC  B H42    1 
ATOM   377 H  H5     . DC  B 1 6 ? 3.812   -0.540  10.958 1.00 0.18 ? 12 DC  B H5     1 
ATOM   378 H  H6     . DC  B 1 6 ? 4.747   -1.072  8.763  1.00 0.18 ? 12 DC  B H6     1 
HETATM 379 CO CO     . 3CO C 2 . ? -0.149  -4.730  2.059  1.00 0.13 ? 22 3CO A CO     1 
HETATM 380 O  O1     . PEO D 3 . ? -1.412  -5.133  0.780  1.00 0.15 ? 23 PEO A O1     1 
HETATM 381 O  O2     . PEO D 3 . ? -2.741  -4.875  1.120  1.00 0.12 ? 23 PEO A O2     1 
HETATM 382 H  HO2    . PEO D 3 . ? -3.260  -4.687  0.323  1.00 0.12 ? 23 PEO A HO2    1 
HETATM 383 N  NA     . BLM E 4 . ? 2.613   -5.622  6.297  1.00 0.12 ? 21 BLM B NA     1 
HETATM 384 C  C2     . BLM E 4 . ? 0.744   -4.783  4.958  1.00 0.10 ? 21 BLM B C2     1 
HETATM 385 C  C1     . BLM E 4 . ? 1.697   -5.893  5.420  1.00 0.09 ? 21 BLM B C1     1 
HETATM 386 O  O1     . BLM E 4 . ? 1.613   -7.017  4.967  1.00 0.13 ? 21 BLM B O1     1 
HETATM 387 N  NC     . BLM E 4 . ? -1.440  -5.027  3.628  1.00 0.11 ? 21 BLM B NC     1 
HETATM 388 C  C3     . BLM E 4 . ? -0.711  -5.339  4.924  1.00 0.10 ? 21 BLM B C3     1 
HETATM 389 N  NB     . BLM E 4 . ? 1.201   -4.270  3.624  1.00 0.10 ? 21 BLM B NB     1 
HETATM 390 N  ND     . BLM E 4 . ? -1.293  -2.346  6.970  1.00 0.10 ? 21 BLM B ND     1 
HETATM 391 C  C5     . BLM E 4 . ? -2.580  -3.294  5.133  1.00 0.12 ? 21 BLM B C5     1 
HETATM 392 C  C4     . BLM E 4 . ? -1.338  -2.602  5.697  1.00 0.10 ? 21 BLM B C4     1 
HETATM 393 O  O4     . BLM E 4 . ? -0.410  -2.289  4.980  1.00 0.12 ? 21 BLM B O4     1 
HETATM 394 C  C8     . BLM E 4 . ? -1.664  -0.493  1.888  1.00 0.15 ? 21 BLM B C8     1 
HETATM 395 C  C9     . BLM E 4 . ? -0.604  -0.897  1.056  1.00 0.14 ? 21 BLM B C9     1 
HETATM 396 C  C10    . BLM E 4 . ? -0.158  -2.190  1.173  1.00 0.14 ? 21 BLM B C10    1 
HETATM 397 N  NG     . BLM E 4 . ? -0.756  -3.012  2.050  1.00 0.13 ? 21 BLM B NG     1 
HETATM 398 C  C7     . BLM E 4 . ? -1.760  -2.684  2.846  1.00 0.13 ? 21 BLM B C7     1 
HETATM 399 N  NE     . BLM E 4 . ? -2.242  -1.395  2.789  1.00 0.15 ? 21 BLM B NE     1 
HETATM 400 C  C6     . BLM E 4 . ? -2.342  -3.795  3.696  1.00 0.12 ? 21 BLM B C6     1 
HETATM 401 N  NF     . BLM E 4 . ? -2.129  0.725   1.843  1.00 0.18 ? 21 BLM B NF     1 
HETATM 402 C  CA     . BLM E 4 . ? 0.000   0.000   0.000  1.00 0.15 ? 21 BLM B CA     1 
HETATM 403 C  C12    . BLM E 4 . ? 0.885   -2.813  0.496  1.00 0.14 ? 21 BLM B C12    1 
HETATM 404 O  O12    . BLM E 4 . ? 1.669   -2.172  -0.165 1.00 0.15 ? 21 BLM B O12    1 
HETATM 405 N  NH     . BLM E 4 . ? 1.004   -4.102  0.604  1.00 0.13 ? 21 BLM B NH     1 
HETATM 406 C  C13    . BLM E 4 . ? 1.872   -4.882  -0.339 1.00 0.14 ? 21 BLM B C13    1 
HETATM 407 C  C30    . BLM E 4 . ? 1.044   -5.360  -1.516 1.00 0.15 ? 21 BLM B C30    1 
HETATM 408 O  O30    . BLM E 4 . ? 1.558   -5.915  -2.468 1.00 0.19 ? 21 BLM B O30    1 
HETATM 409 C  C14    . BLM E 4 . ? 2.508   -6.070  0.379  1.00 0.14 ? 21 BLM B C14    1 
HETATM 410 C  C27    . BLM E 4 . ? 1.460   -6.997  0.938  1.00 0.13 ? 21 BLM B C27    1 
HETATM 411 O  OH1    . BLM E 4 . ? 3.288   -5.574  1.451  1.00 0.13 ? 21 BLM B OH1    1 
HETATM 412 N  NJ     . BLM E 4 . ? 0.420   -6.594  1.766  1.00 0.13 ? 21 BLM B NJ     1 
HETATM 413 C  C28    . BLM E 4 . ? 1.332   -8.347  0.822  1.00 0.13 ? 21 BLM B C28    1 
HETATM 414 C  C29    . BLM E 4 . ? -0.257  -7.676  2.136  1.00 0.13 ? 21 BLM B C29    1 
HETATM 415 N  NI     . BLM E 4 . ? 0.250   -8.787  1.584  1.00 0.13 ? 21 BLM B NI     1 
HETATM 416 N  NK     . BLM E 4 . ? -0.233  -5.148  -1.451 1.00 0.13 ? 21 BLM B NK     1 
HETATM 417 C  C34    . BLM E 4 . ? -1.434  -7.509  -1.033 1.00 0.12 ? 21 BLM B C34    1 
HETATM 418 C  C36    . BLM E 4 . ? -2.456  -8.148  -0.110 1.00 0.12 ? 21 BLM B C36    1 
HETATM 419 O  O36    . BLM E 4 . ? -2.892  -9.269  -0.293 1.00 0.12 ? 21 BLM B O36    1 
HETATM 420 O  OH2    . BLM E 4 . ? -2.769  -7.271  -3.043 1.00 0.13 ? 21 BLM B OH2    1 
HETATM 421 C  C31    . BLM E 4 . ? -1.117  -5.580  -2.554 1.00 0.13 ? 21 BLM B C31    1 
HETATM 422 C  CB     . BLM E 4 . ? -1.805  -4.340  -3.139 1.00 0.14 ? 21 BLM B CB     1 
HETATM 423 C  C33    . BLM E 4 . ? -2.148  -6.549  -1.989 1.00 0.12 ? 21 BLM B C33    1 
HETATM 424 C  CC     . BLM E 4 . ? -0.661  -8.577  -1.817 1.00 0.12 ? 21 BLM B CC     1 
HETATM 425 N  NL     . BLM E 4 . ? -2.843  -7.414  0.887  1.00 0.10 ? 21 BLM B NL     1 
HETATM 426 C  C37    . BLM E 4 . ? -3.849  -7.904  1.870  1.00 0.09 ? 21 BLM B C37    1 
HETATM 427 C  C40    . BLM E 4 . ? -4.185  -6.746  2.811  1.00 0.08 ? 21 BLM B C40    1 
HETATM 428 O  O40    . BLM E 4 . ? -3.383  -6.376  3.651  1.00 0.09 ? 21 BLM B O40    1 
HETATM 429 C  C38    . BLM E 4 . ? -3.284  -9.077  2.683  1.00 0.09 ? 21 BLM B C38    1 
HETATM 430 O  OH3    . BLM E 4 . ? -2.879  -10.129 1.821  1.00 0.10 ? 21 BLM B OH3    1 
HETATM 431 C  CD     . BLM E 4 . ? -4.360  -9.601  3.636  1.00 0.10 ? 21 BLM B CD     1 
HETATM 432 N  NM     . BLM E 4 . ? -5.345  -6.159  2.653  1.00 0.10 ? 21 BLM B NM     1 
HETATM 433 C  C42    . BLM E 4 . ? -7.138  -5.289  4.106  1.00 0.12 ? 21 BLM B C42    1 
HETATM 434 C  C49    . BLM E 4 . ? -11.046 1.942   5.910  1.00 0.25 ? 21 BLM B C49    1 
HETATM 435 O  O49    . BLM E 4 . ? -11.863 2.285   5.078  1.00 0.28 ? 21 BLM B O49    1 
HETATM 436 C  C43    . BLM E 4 . ? -7.975  -4.039  4.054  1.00 0.13 ? 21 BLM B C43    1 
HETATM 437 C  C41    . BLM E 4 . ? -5.756  -5.004  3.510  1.00 0.11 ? 21 BLM B C41    1 
HETATM 438 S  S43    . BLM E 4 . ? -8.379  -3.388  2.922  1.00 0.15 ? 21 BLM B S43    1 
HETATM 439 C  C44    . BLM E 4 . ? -9.113  -2.303  3.300  1.00 0.16 ? 21 BLM B C44    1 
HETATM 440 C  C45    . BLM E 4 . ? -9.159  -2.284  4.660  1.00 0.15 ? 21 BLM B C45    1 
HETATM 441 N  NN     . BLM E 4 . ? -8.459  -3.356  5.129  1.00 0.14 ? 21 BLM B NN     1 
HETATM 442 C  C47    . BLM E 4 . ? -10.792 -0.221  7.058  1.00 0.18 ? 21 BLM B C47    1 
HETATM 443 C  C48    . BLM E 4 . ? -10.670 0.625   5.987  1.00 0.20 ? 21 BLM B C48    1 
HETATM 444 N  NO     . BLM E 4 . ? -10.060 -0.054  4.986  1.00 0.19 ? 21 BLM B NO     1 
HETATM 445 C  C46    . BLM E 4 . ? -9.796  -1.311  5.421  1.00 0.16 ? 21 BLM B C46    1 
HETATM 446 S  S46    . BLM E 4 . ? -10.247 -1.424  6.703  1.00 0.17 ? 21 BLM B S46    1 
HETATM 447 N  NP     . BLM E 4 . ? -10.508 2.811   6.725  1.00 0.31 ? 21 BLM B NP     1 
HETATM 448 C  C50    . BLM E 4 . ? -10.893 4.252   6.651  1.00 0.37 ? 21 BLM B C50    1 
HETATM 449 C  C51    . BLM E 4 . ? -10.766 4.886   8.039  1.00 1.13 ? 21 BLM B C51    1 
HETATM 450 C  C52    . BLM E 4 . ? -12.106 5.516   8.448  1.00 1.97 ? 21 BLM B C52    1 
HETATM 451 S  S53    . BLM E 4 . ? -13.103 4.307   9.380  1.00 3.39 ? 21 BLM B S53    1 
HETATM 452 C  C55    . BLM E 4 . ? -12.268 3.898   10.945 1.00 4.33 ? 21 BLM B C55    1 
HETATM 453 C  C54    . BLM E 4 . ? -13.325 2.798   8.390  1.00 4.51 ? 21 BLM B C54    1 
HETATM 454 O  O59    . BLM E 4 . ? 3.909   -7.671  4.764  1.00 0.19 ? 21 BLM B O59    1 
HETATM 455 O  O58    . BLM E 4 . ? 3.830   -4.683  4.041  1.00 0.10 ? 21 BLM B O58    1 
HETATM 456 C  C61    . BLM E 4 . ? 6.202   -8.257  3.095  1.00 0.25 ? 21 BLM B C61    1 
HETATM 457 O  O61    . BLM E 4 . ? 6.097   -8.584  4.476  1.00 0.25 ? 21 BLM B O61    1 
HETATM 458 O  O56    . BLM E 4 . ? 5.448   -3.811  2.317  1.00 0.20 ? 21 BLM B O56    1 
HETATM 459 C  C60    . BLM E 4 . ? 4.805   -7.957  2.534  1.00 0.21 ? 21 BLM B C60    1 
HETATM 460 O  O62    . BLM E 4 . ? 4.933   -7.315  1.141  1.00 0.20 ? 21 BLM B O62    1 
HETATM 461 C  C63    . BLM E 4 . ? 4.673   -5.810  1.221  1.00 0.17 ? 21 BLM B C63    1 
HETATM 462 C  C57    . BLM E 4 . ? 5.459   -5.240  2.392  1.00 0.18 ? 21 BLM B C57    1 
HETATM 463 C  C58    . BLM E 4 . ? 4.778   -5.680  3.690  1.00 0.14 ? 21 BLM B C58    1 
HETATM 464 C  C59    . BLM E 4 . ? 4.044   -7.029  3.500  1.00 0.16 ? 21 BLM B C59    1 
HETATM 465 C  C69    . BLM E 4 . ? 7.298   -3.593  0.762  1.00 0.25 ? 21 BLM B C69    1 
HETATM 466 C  C68    . BLM E 4 . ? 8.602   -2.817  0.534  1.00 0.34 ? 21 BLM B C68    1 
HETATM 467 C  C67    . BLM E 4 . ? 9.405   -2.729  1.845  1.00 0.40 ? 21 BLM B C67    1 
HETATM 468 C  C65    . BLM E 4 . ? 9.137   -3.970  2.709  1.00 0.39 ? 21 BLM B C65    1 
HETATM 469 O  O64    . BLM E 4 . ? 7.689   -3.950  3.213  1.00 0.36 ? 21 BLM B O64    1 
HETATM 470 C  C64    . BLM E 4 . ? 6.769   -3.297  2.174  1.00 0.28 ? 21 BLM B C64    1 
HETATM 471 O  O68    . BLM E 4 . ? 8.288   -1.504  0.085  1.00 0.35 ? 21 BLM B O68    1 
HETATM 472 O  O67    . BLM E 4 . ? 10.794  -2.661  1.548  1.00 0.44 ? 21 BLM B O67    1 
HETATM 473 O  O69    . BLM E 4 . ? 6.338   -3.191  -0.211 1.00 0.20 ? 21 BLM B O69    1 
HETATM 474 N  NQ     . BLM E 4 . ? 10.513  -0.856  -0.477 1.00 0.48 ? 21 BLM B NQ     1 
HETATM 475 C  C70    . BLM E 4 . ? 9.234   -1.088  -0.857 1.00 0.41 ? 21 BLM B C70    1 
HETATM 476 O  O70    . BLM E 4 . ? 8.866   -0.948  -2.038 1.00 0.41 ? 21 BLM B O70    1 
HETATM 477 O  O66    . BLM E 4 . ? 11.438  -3.834  3.441  1.00 0.51 ? 21 BLM B O66    1 
HETATM 478 C  C66    . BLM E 4 . ? 10.095  -3.967  3.905  1.00 0.46 ? 21 BLM B C66    1 
HETATM 479 H  HA2    . BLM E 4 . ? 2.688   -4.718  6.666  1.00 0.18 ? 21 BLM B HA2    1 
HETATM 480 H  HA1    . BLM E 4 . ? 3.232   -6.322  6.590  1.00 0.12 ? 21 BLM B HA1    1 
HETATM 481 H  H2     . BLM E 4 . ? 0.793   -3.976  5.674  1.00 0.10 ? 21 BLM B H2     1 
HETATM 482 H  HNC    . BLM E 4 . ? -2.001  -5.802  3.371  1.00 0.12 ? 21 BLM B HNC    1 
HETATM 483 H  H3E    . BLM E 4 . ? -1.255  -4.932  5.755  1.00 0.11 ? 21 BLM B H3E    1 
HETATM 484 H  H3X    . BLM E 4 . ? -0.667  -6.411  5.045  1.00 0.10 ? 21 BLM B H3X    1 
HETATM 485 H  HB1    . BLM E 4 . ? 2.082   -4.648  3.407  1.00 0.10 ? 21 BLM B HB1    1 
HETATM 486 H  HB2    . BLM E 4 . ? 1.267   -3.294  3.658  1.00 0.09 ? 21 BLM B HB2    1 
HETATM 487 H  HD2    . BLM E 4 . ? -1.851  -1.636  7.346  1.00 0.15 ? 21 BLM B HD2    1 
HETATM 488 H  HD1    . BLM E 4 . ? -0.703  -2.865  7.554  1.00 0.07 ? 21 BLM B HD1    1 
HETATM 489 H  H5E    . BLM E 4 . ? -3.397  -2.589  5.125  1.00 0.13 ? 21 BLM B H5E    1 
HETATM 490 H  H5X    . BLM E 4 . ? -2.848  -4.128  5.764  1.00 0.12 ? 21 BLM B H5X    1 
HETATM 491 H  H6     . BLM E 4 . ? -3.301  -4.063  3.269  1.00 0.14 ? 21 BLM B H6     1 
HETATM 492 H  HF2    . BLM E 4 . ? -2.742  1.042   2.542  1.00 0.20 ? 21 BLM B HF2    1 
HETATM 493 H  HF1    . BLM E 4 . ? -1.873  1.322   1.111  1.00 0.19 ? 21 BLM B HF1    1 
HETATM 494 H  HAA    . BLM E 4 . ? -0.567  0.914   -0.066 1.00 0.99 ? 21 BLM B HAA    1 
HETATM 495 H  HAB    . BLM E 4 . ? -0.023  -0.507  -0.955 1.00 0.89 ? 21 BLM B HAB    1 
HETATM 496 H  HAC    . BLM E 4 . ? 1.023   0.226   0.259  1.00 0.99 ? 21 BLM B HAC    1 
HETATM 497 H  H13    . BLM E 4 . ? 2.651   -4.245  -0.718 1.00 0.15 ? 21 BLM B H13    1 
HETATM 498 H  H14    . BLM E 4 . ? 3.139   -6.608  -0.313 1.00 0.14 ? 21 BLM B H14    1 
HETATM 499 H  H28    . BLM E 4 . ? 1.966   -8.960  0.200  1.00 0.14 ? 21 BLM B H28    1 
HETATM 500 H  H29    . BLM E 4 . ? -1.104  -7.654  2.802  1.00 0.12 ? 21 BLM B H29    1 
HETATM 501 H  HNI    . BLM E 4 . ? -0.082  -9.709  1.682  1.00 0.14 ? 21 BLM B HNI    1 
HETATM 502 H  HNK    . BLM E 4 . ? -0.618  -4.707  -0.660 1.00 0.12 ? 21 BLM B HNK    1 
HETATM 503 H  H34    . BLM E 4 . ? -0.743  -6.942  -0.426 1.00 0.13 ? 21 BLM B H34    1 
HETATM 504 H  HO2    . BLM E 4 . ? -3.559  -6.790  -3.308 1.00 0.11 ? 21 BLM B HO2    1 
HETATM 505 H  H31    . BLM E 4 . ? -0.524  -6.084  -3.306 1.00 0.15 ? 21 BLM B H31    1 
HETATM 506 H  HBA    . BLM E 4 . ? -2.829  -4.297  -2.798 1.00 1.01 ? 21 BLM B HBA    1 
HETATM 507 H  HBB    . BLM E 4 . ? -1.785  -4.387  -4.215 1.00 1.00 ? 21 BLM B HBB    1 
HETATM 508 H  HBC    . BLM E 4 . ? -1.282  -3.451  -2.809 1.00 1.04 ? 21 BLM B HBC    1 
HETATM 509 H  H33    . BLM E 4 . ? -2.895  -5.994  -1.439 1.00 0.13 ? 21 BLM B H33    1 
HETATM 510 H  HCB    . BLM E 4 . ? -1.057  -9.552  -1.589 1.00 0.97 ? 21 BLM B HCB    1 
HETATM 511 H  HCC    . BLM E 4 . ? 0.383   -8.537  -1.535 1.00 1.02 ? 21 BLM B HCC    1 
HETATM 512 H  HCA    . BLM E 4 . ? -0.752  -8.384  -2.874 1.00 1.02 ? 21 BLM B HCA    1 
HETATM 513 H  HNL    . BLM E 4 . ? -2.466  -6.502  0.984  1.00 0.10 ? 21 BLM B HNL    1 
HETATM 514 H  H37    . BLM E 4 . ? -4.738  -8.220  1.349  1.00 0.10 ? 21 BLM B H37    1 
HETATM 515 H  H38    . BLM E 4 . ? -2.437  -8.740  3.251  1.00 0.09 ? 21 BLM B H38    1 
HETATM 516 H  HO3    . BLM E 4 . ? -3.021  -9.842  0.900  1.00 0.11 ? 21 BLM B HO3    1 
HETATM 517 H  HDB    . BLM E 4 . ? -4.408  -8.969  4.509  1.00 1.01 ? 21 BLM B HDB    1 
HETATM 518 H  HDC    . BLM E 4 . ? -4.112  -10.609 3.935  1.00 0.93 ? 21 BLM B HDC    1 
HETATM 519 H  HDA    . BLM E 4 . ? -5.317  -9.600  3.136  1.00 0.95 ? 21 BLM B HDA    1 
HETATM 520 H  HNM    . BLM E 4 . ? -5.951  -6.473  1.954  1.00 0.12 ? 21 BLM B HNM    1 
HETATM 521 H  H2E    . BLM E 4 . ? -7.030  -5.606  5.132  1.00 0.12 ? 21 BLM B H2E    1 
HETATM 522 H  H2X    . BLM E 4 . ? -7.623  -6.068  3.538  1.00 0.12 ? 21 BLM B H2X    1 
HETATM 523 H  H1E    . BLM E 4 . ? -5.804  -4.111  2.903  1.00 0.13 ? 21 BLM B H1E    1 
HETATM 524 H  H1X    . BLM E 4 . ? -5.041  -4.859  4.306  1.00 0.12 ? 21 BLM B H1X    1 
HETATM 525 H  H44    . BLM E 4 . ? -9.581  -1.583  2.644  1.00 0.18 ? 21 BLM B H44    1 
HETATM 526 H  H47    . BLM E 4 . ? -11.236 0.015   8.014  1.00 0.20 ? 21 BLM B H47    1 
HETATM 527 H  HNP    . BLM E 4 . ? -9.841  2.514   7.380  1.00 0.34 ? 21 BLM B HNP    1 
HETATM 528 H  H501   . BLM E 4 . ? -11.913 4.336   6.303  1.00 1.21 ? 21 BLM B H501   1 
HETATM 529 H  H502   . BLM E 4 . ? -10.237 4.763   5.961  1.00 0.77 ? 21 BLM B H502   1 
HETATM 530 H  H511   . BLM E 4 . ? -10.487 4.129   8.757  1.00 1.82 ? 21 BLM B H511   1 
HETATM 531 H  H512   . BLM E 4 . ? -10.003 5.652   8.014  1.00 1.72 ? 21 BLM B H512   1 
HETATM 532 H  H521   . BLM E 4 . ? -11.922 6.381   9.068  1.00 2.10 ? 21 BLM B H521   1 
HETATM 533 H  H522   . BLM E 4 . ? -12.647 5.818   7.563  1.00 2.46 ? 21 BLM B H522   1 
HETATM 534 H  H551   . BLM E 4 . ? -11.290 4.153   11.324 1.00 4.19 ? 21 BLM B H551   1 
HETATM 535 H  H552   . BLM E 4 . ? -12.396 4.962   11.081 1.00 4.79 ? 21 BLM B H552   1 
HETATM 536 H  H553   . BLM E 4 . ? -11.655 3.331   10.261 1.00 4.98 ? 21 BLM B H553   1 
HETATM 537 H  H541   . BLM E 4 . ? -12.555 2.084   8.641  1.00 4.56 ? 21 BLM B H541   1 
HETATM 538 H  H542   . BLM E 4 . ? -13.262 3.041   7.340  1.00 5.15 ? 21 BLM B H542   1 
HETATM 539 H  H543   . BLM E 4 . ? -14.294 2.372   8.602  1.00 4.87 ? 21 BLM B H543   1 
HETATM 540 H  HO59   . BLM E 4 . ? 2.971   -7.606  5.026  1.00 0.19 ? 21 BLM B HO59   1 
HETATM 541 H  HO58   . BLM E 4 . ? 4.058   -3.888  3.541  1.00 0.12 ? 21 BLM B HO58   1 
HETATM 542 H  H611   . BLM E 4 . ? 6.837   -7.395  2.976  1.00 0.25 ? 21 BLM B H611   1 
HETATM 543 H  H612   . BLM E 4 . ? 6.630   -9.093  2.560  1.00 0.32 ? 21 BLM B H612   1 
HETATM 544 H  HO61   . BLM E 4 . ? 5.213   -8.294  4.784  1.00 0.23 ? 21 BLM B HO61   1 
HETATM 545 H  H60    . BLM E 4 . ? 4.251   -8.882  2.438  1.00 0.23 ? 21 BLM B H60    1 
HETATM 546 H  H63    . BLM E 4 . ? 4.983   -5.331  0.303  1.00 0.20 ? 21 BLM B H63    1 
HETATM 547 H  H57    . BLM E 4 . ? 6.473   -5.607  2.365  1.00 0.23 ? 21 BLM B H57    1 
HETATM 548 H  H58    . BLM E 4 . ? 5.518   -5.771  4.475  1.00 0.17 ? 21 BLM B H58    1 
HETATM 549 H  H59    . BLM E 4 . ? 3.058   -6.845  3.101  1.00 0.14 ? 21 BLM B H59    1 
HETATM 550 H  H69    . BLM E 4 . ? 7.487   -4.652  0.663  1.00 0.26 ? 21 BLM B H69    1 
HETATM 551 H  H68    . BLM E 4 . ? 9.194   -3.325  -0.217 1.00 0.36 ? 21 BLM B H68    1 
HETATM 552 H  H67    . BLM E 4 . ? 9.112   -1.841  2.390  1.00 0.42 ? 21 BLM B H67    1 
HETATM 553 H  H65    . BLM E 4 . ? 9.301   -4.868  2.127  1.00 0.38 ? 21 BLM B H65    1 
HETATM 554 H  H64    . BLM E 4 . ? 6.752   -2.227  2.335  1.00 0.33 ? 21 BLM B H64    1 
HETATM 555 H  HO67   . BLM E 4 . ? 11.270  -3.120  2.277  1.00 0.47 ? 21 BLM B HO67   1 
HETATM 556 H  HO69   . BLM E 4 . ? 6.623   -2.342  -0.573 1.00 0.22 ? 21 BLM B HO69   1 
HETATM 557 H  HNQ1   . BLM E 4 . ? 11.045  -0.181  -0.941 1.00 0.53 ? 21 BLM B HNQ1   1 
HETATM 558 H  HNQ2   . BLM E 4 . ? 10.904  -1.368  0.268  1.00 0.48 ? 21 BLM B HNQ2   1 
HETATM 559 H  HO66   . BLM E 4 . ? 12.029  -4.076  4.163  1.00 0.56 ? 21 BLM B HO66   1 
HETATM 560 H  H661   . BLM E 4 . ? 9.991   -4.895  4.451  1.00 0.47 ? 21 BLM B H661   1 
HETATM 561 H  H662   . BLM E 4 . ? 9.854   -3.139  4.557  1.00 0.49 ? 21 BLM B H662   1 
# 
